data_6MSM
#
_entry.id   6MSM
#
_cell.length_a   1
_cell.length_b   1
_cell.length_c   1
_cell.angle_alpha   90
_cell.angle_beta   90
_cell.angle_gamma   90
#
_symmetry.space_group_name_H-M   'P 1'
#
loop_
_entity.id
_entity.type
_entity.pdbx_description
1 polymer 'Cystic fibrosis transmembrane conductance regulator'
2 polymer 'Piece of Molecule-1'
3 non-polymer 'MAGNESIUM ION'
4 non-polymer "ADENOSINE-5'-TRIPHOSPHATE"
5 non-polymer '(2S)-3-(hexadecanoyloxy)-2-[(9Z)-octadec-9-enoyloxy]propyl 2-(trimethylammonio)ethyl phosphate'
6 non-polymer CHOLESTEROL
#
loop_
_entity_poly.entity_id
_entity_poly.type
_entity_poly.pdbx_seq_one_letter_code
_entity_poly.pdbx_strand_id
1 'polypeptide(L)'
;MQRSPLEKASVVSKLFFSWTRPILRKGYRQRLELSDIYQIPSVDSADNLSEKLEREWDRELASKKNPKLINALRRCFFWR
FMFYGIFLYLGEVTKAVQPLLLGRIIASYDPDNKEERSIAIYLGIGLCLLFIVRTLLLHPAIFGLHHIGMQMRIAMFSLI
YKKTLKLSSRVLDKISIGQLVSLLSNNLNKFDEGLALAHFVWIAPLQVALLMGLIWELLQASAFCGLGFLIVLALFQAGL
GRMMMKYRDQRAGKISERLVITSEMIENIQSVKAYCWEEAMEKMIENLRQTELKLTRKAAYVRYFNSSAFFFSGFFVVFL
SVLPYALIKGIILRKIFTTISFCIVLRMAVTRQFPWAVQTWYDSLGAINKIQDFLQKQEYKTLEYNLTTTEVVMENVTAF
WEEGFGELFEKAKQNNNNRKTSNGDDSLFFSNFSLLGTPVLKDINFKIERGQLLAVAGSTGAGKTSLLMVIMGELEPSEG
KIKHSGRISFCSQFSWIMPGTIKENIIFGVSYDEYRYRSVIKACQLEEDISKFAEKDNIVLGEGGITLSGGQRARISLAR
AVYKDADLYLLDSPFGYLDVLTEKEIFESCVCKLMANKTRILVTSKMEHLKKADKILILHEGSSYFYGTFSELQNLQPDF
SSKLMGCDSFDQFSAERRNSILTETLHRFSLEGDAPVSWTETKKQSFKQTGEFGEKRKNSILNPINSIRKFSIVQKTPLQ
MNGIEEDSDEPLERRLSLVPDSEQGEAILPRISVISTGPTLQARRRQSVLNLMTHSVNQGQNIHRKTTASTRKVSLAPQA
NLTELDIYSRRLSQETGLEISEEINEEDLKECFFDDMESIPAVTTWNTYLRYITVHKSLIFVLIWCLVIFLAEVAASLVV
LWLLGNTPLQDKGNSTHSRNNSYAVIITSTSSYYVFYIYVGVADTLLAMGFFRGLPLVHTLITVSKILHHKMLHSVLQAP
MSTLNTLKAGGILNRFSKDIAILDDLLPLTIFDFIQLLLIVIGAIAVVAVLQPYIFVATVPVIVAFIMLRAYFLQTSQQL
KQLESEGRSPIFTHLVTSLKGLWTLRAFGRQPYFETLFHKALNLHTANWFLYLSTLRWFQMRIEMIFVIFFIAVTFISIL
TTGEGEGRVGIILTLAMNIMSTLQWAVNSSIDVDSLMRSVSRVFKFIDMPTEGKPTKSTKPYKNGQLSKVMIIENSHVKK
DDIWPSGGQMTVKDLTAKYTEGGNAILENISFSISPGQRVGLLGRTGSGKSTLLSAFLRLLNTEGEIQIDGVSWDSITLQ
QWRKAFGVIPQKVFIFSGTFRKNLDPYEQWSDQEIWKVADEVGLRSVIEQFPGKLDFVLVDGGCVLSHGHKQLMCLARSV
LSKAKILLLDQPSAHLDPVTYQIIRRTLKQAFADCTVILCEHRIEAMLECQQFLVIEENKVRQYDSIQKLLNERSLFRQA
ISPSDRVKLFPHRNSSKCKSKPQIAALKEETEEEVQDTRLSNSLEVLFQ
;
A
2 'polypeptide(L)'
;(UNK)(UNK)(UNK)(UNK)(UNK)(UNK)(UNK)(UNK)(UNK)(UNK)(UNK)(UNK)(UNK)(UNK)(UNK)(UNK)
(UNK)
;
B
#
# COMPACT_ATOMS: atom_id res chain seq x y z
N MET A 1 -28.21 1.10 4.40
CA MET A 1 -27.47 1.88 3.35
C MET A 1 -28.42 2.84 2.64
N GLN A 2 -28.20 4.14 2.80
CA GLN A 2 -28.98 5.19 2.11
C GLN A 2 -28.46 5.33 0.67
N ARG A 3 -29.38 5.48 -0.28
CA ARG A 3 -29.03 5.65 -1.72
C ARG A 3 -28.47 7.05 -1.95
N SER A 4 -27.72 7.22 -3.04
CA SER A 4 -27.06 8.49 -3.42
C SER A 4 -28.10 9.58 -3.66
N PRO A 5 -27.91 10.79 -3.10
CA PRO A 5 -28.80 11.92 -3.43
C PRO A 5 -28.60 12.52 -4.84
N LEU A 6 -27.54 12.11 -5.54
CA LEU A 6 -27.26 12.55 -6.93
C LEU A 6 -28.32 11.97 -7.89
N GLU A 7 -28.88 10.80 -7.58
CA GLU A 7 -29.87 10.11 -8.43
C GLU A 7 -31.13 10.97 -8.56
N LYS A 8 -31.74 11.33 -7.44
CA LYS A 8 -32.87 12.28 -7.44
C LYS A 8 -32.28 13.68 -7.32
N ALA A 9 -31.99 14.32 -8.45
CA ALA A 9 -31.35 15.66 -8.48
C ALA A 9 -31.85 16.46 -9.69
N SER A 10 -32.23 17.71 -9.45
CA SER A 10 -32.61 18.69 -10.51
C SER A 10 -31.35 19.31 -11.13
N VAL A 11 -31.49 19.77 -12.36
CA VAL A 11 -30.40 20.40 -13.16
C VAL A 11 -29.69 21.45 -12.30
N VAL A 12 -30.48 22.25 -11.57
CA VAL A 12 -29.94 23.36 -10.75
C VAL A 12 -29.12 22.76 -9.61
N SER A 13 -29.61 21.68 -9.03
CA SER A 13 -28.93 20.98 -7.91
C SER A 13 -27.62 20.35 -8.38
N LYS A 14 -27.60 19.83 -9.62
CA LYS A 14 -26.40 19.19 -10.20
C LYS A 14 -25.46 20.26 -10.78
N LEU A 15 -25.95 21.49 -11.01
CA LEU A 15 -25.15 22.60 -11.58
C LEU A 15 -24.52 23.43 -10.46
N PHE A 16 -25.28 23.70 -9.40
CA PHE A 16 -24.82 24.54 -8.27
C PHE A 16 -24.27 23.66 -7.14
N PHE A 17 -24.33 22.33 -7.29
CA PHE A 17 -23.88 21.35 -6.26
C PHE A 17 -24.59 21.66 -4.94
N SER A 18 -25.91 21.57 -4.92
CA SER A 18 -26.74 21.74 -3.71
C SER A 18 -27.04 20.39 -3.06
N TRP A 19 -26.79 19.30 -3.77
CA TRP A 19 -27.09 17.93 -3.30
C TRP A 19 -26.06 17.48 -2.26
N THR A 20 -24.86 18.07 -2.26
CA THR A 20 -23.79 17.72 -1.30
C THR A 20 -23.99 18.45 0.03
N ARG A 21 -24.96 19.35 0.12
CA ARG A 21 -25.14 20.30 1.26
C ARG A 21 -25.46 19.56 2.56
N PRO A 22 -26.32 18.52 2.59
CA PRO A 22 -26.68 17.85 3.85
C PRO A 22 -25.50 17.38 4.71
N ILE A 23 -24.52 16.74 4.06
CA ILE A 23 -23.38 16.10 4.78
C ILE A 23 -22.51 17.18 5.42
N LEU A 24 -22.50 18.41 4.90
CA LEU A 24 -21.77 19.53 5.52
C LEU A 24 -22.46 19.94 6.82
N ARG A 25 -23.78 20.16 6.77
CA ARG A 25 -24.58 20.51 7.97
C ARG A 25 -24.45 19.38 8.99
N LYS A 26 -24.54 18.14 8.52
CA LYS A 26 -24.44 16.96 9.39
C LYS A 26 -23.03 16.87 10.00
N GLY A 27 -22.00 17.11 9.18
CA GLY A 27 -20.59 16.91 9.56
C GLY A 27 -20.01 18.07 10.36
N TYR A 28 -20.63 19.25 10.30
CA TYR A 28 -20.11 20.47 10.96
C TYR A 28 -20.24 20.35 12.48
N ARG A 29 -21.41 19.94 12.97
CA ARG A 29 -21.75 20.01 14.41
C ARG A 29 -21.80 18.62 15.05
N GLN A 30 -21.54 17.56 14.28
CA GLN A 30 -21.46 16.17 14.79
C GLN A 30 -20.29 15.46 14.15
N ARG A 31 -19.85 14.37 14.78
CA ARG A 31 -18.94 13.39 14.14
C ARG A 31 -19.73 12.63 13.07
N LEU A 32 -19.06 12.29 11.96
CA LEU A 32 -19.70 11.64 10.79
C LEU A 32 -20.21 10.25 11.17
N GLU A 33 -21.38 9.88 10.62
CA GLU A 33 -22.04 8.58 10.86
C GLU A 33 -21.96 7.72 9.61
N LEU A 34 -21.75 6.43 9.82
CA LEU A 34 -21.59 5.45 8.73
C LEU A 34 -22.85 5.42 7.87
N SER A 35 -24.01 5.51 8.52
CA SER A 35 -25.34 5.70 7.88
C SER A 35 -25.32 6.87 6.89
N ASP A 36 -24.67 7.98 7.28
CA ASP A 36 -24.69 9.23 6.48
C ASP A 36 -23.91 9.05 5.18
N ILE A 37 -22.93 8.14 5.13
CA ILE A 37 -22.21 7.84 3.86
C ILE A 37 -23.22 7.26 2.87
N TYR A 38 -23.18 7.71 1.62
CA TYR A 38 -24.16 7.35 0.58
C TYR A 38 -23.60 6.23 -0.30
N GLN A 39 -24.50 5.37 -0.77
CA GLN A 39 -24.17 4.28 -1.73
C GLN A 39 -23.76 4.92 -3.06
N ILE A 40 -22.76 4.33 -3.72
CA ILE A 40 -22.23 4.81 -5.04
C ILE A 40 -23.37 4.85 -6.07
N PRO A 41 -23.31 5.74 -7.08
CA PRO A 41 -24.22 5.67 -8.24
C PRO A 41 -24.04 4.38 -9.06
N SER A 42 -25.10 3.99 -9.77
CA SER A 42 -25.15 2.75 -10.59
C SER A 42 -24.26 2.89 -11.82
N VAL A 43 -23.94 4.13 -12.20
CA VAL A 43 -23.10 4.45 -13.38
C VAL A 43 -21.68 3.93 -13.12
N ASP A 44 -21.11 4.24 -11.96
CA ASP A 44 -19.68 3.97 -11.63
C ASP A 44 -19.58 2.92 -10.52
N SER A 45 -20.28 1.80 -10.69
CA SER A 45 -20.05 0.57 -9.90
C SER A 45 -18.91 -0.23 -10.54
N ALA A 46 -18.40 -1.22 -9.81
CA ALA A 46 -17.25 -2.03 -10.23
C ALA A 46 -17.62 -2.90 -11.44
N ASP A 47 -18.76 -3.59 -11.36
CA ASP A 47 -19.13 -4.68 -12.30
C ASP A 47 -19.35 -4.13 -13.71
N ASN A 48 -20.04 -3.00 -13.85
CA ASN A 48 -20.39 -2.41 -15.16
C ASN A 48 -19.14 -1.92 -15.88
N LEU A 49 -18.26 -1.21 -15.15
CA LEU A 49 -16.99 -0.68 -15.69
C LEU A 49 -16.07 -1.84 -16.07
N SER A 50 -16.06 -2.90 -15.25
CA SER A 50 -15.33 -4.16 -15.56
C SER A 50 -15.89 -4.79 -16.84
N GLU A 51 -17.19 -5.04 -16.84
CA GLU A 51 -17.93 -5.65 -17.98
C GLU A 51 -17.63 -4.84 -19.25
N LYS A 52 -17.82 -3.53 -19.16
CA LYS A 52 -17.78 -2.60 -20.32
C LYS A 52 -16.42 -2.66 -21.01
N LEU A 53 -15.35 -2.39 -20.25
CA LEU A 53 -13.96 -2.32 -20.79
C LEU A 53 -13.42 -3.74 -21.03
N GLU A 54 -13.86 -4.71 -20.24
CA GLU A 54 -13.54 -6.15 -20.47
C GLU A 54 -14.04 -6.52 -21.86
N ARG A 55 -15.27 -6.12 -22.18
CA ARG A 55 -15.90 -6.38 -23.51
C ARG A 55 -15.08 -5.75 -24.63
N GLU A 56 -14.62 -4.50 -24.44
CA GLU A 56 -13.86 -3.74 -25.46
C GLU A 56 -12.44 -4.31 -25.63
N TRP A 57 -11.81 -4.70 -24.52
CA TRP A 57 -10.42 -5.24 -24.55
C TRP A 57 -10.38 -6.58 -25.30
N ASP A 58 -11.41 -7.42 -25.13
CA ASP A 58 -11.53 -8.71 -25.84
C ASP A 58 -11.69 -8.47 -27.34
N ARG A 59 -12.51 -7.48 -27.69
CA ARG A 59 -12.71 -7.02 -29.09
C ARG A 59 -11.39 -6.48 -29.65
N GLU A 60 -10.63 -5.73 -28.83
CA GLU A 60 -9.30 -5.18 -29.20
C GLU A 60 -8.30 -6.32 -29.41
N LEU A 61 -8.32 -7.33 -28.55
CA LEU A 61 -7.44 -8.52 -28.67
C LEU A 61 -7.80 -9.31 -29.94
N ALA A 62 -9.10 -9.40 -30.25
CA ALA A 62 -9.61 -10.20 -31.38
C ALA A 62 -9.24 -9.54 -32.71
N SER A 63 -9.45 -8.23 -32.82
CA SER A 63 -9.38 -7.52 -34.12
C SER A 63 -7.92 -7.27 -34.52
N LYS A 64 -7.23 -6.38 -33.81
CA LYS A 64 -5.96 -5.79 -34.28
C LYS A 64 -4.82 -6.79 -34.10
N LYS A 65 -3.70 -6.50 -34.75
CA LYS A 65 -2.51 -7.39 -34.82
C LYS A 65 -1.63 -7.15 -33.60
N ASN A 66 -1.38 -5.88 -33.28
CA ASN A 66 -0.66 -5.46 -32.05
C ASN A 66 -1.59 -4.55 -31.25
N PRO A 67 -2.34 -5.08 -30.27
CA PRO A 67 -3.38 -4.31 -29.58
C PRO A 67 -2.82 -3.33 -28.54
N LYS A 68 -3.57 -2.26 -28.28
CA LYS A 68 -3.20 -1.19 -27.31
C LYS A 68 -4.40 -0.88 -26.42
N LEU A 69 -4.15 -0.70 -25.13
CA LEU A 69 -5.22 -0.54 -24.10
C LEU A 69 -5.89 0.81 -24.26
N ILE A 70 -5.13 1.83 -24.69
CA ILE A 70 -5.65 3.20 -24.93
C ILE A 70 -6.78 3.15 -25.98
N ASN A 71 -6.66 2.29 -27.00
CA ASN A 71 -7.70 2.13 -28.05
C ASN A 71 -8.99 1.60 -27.43
N ALA A 72 -8.86 0.69 -26.45
CA ALA A 72 -10.02 0.13 -25.72
C ALA A 72 -10.65 1.21 -24.83
N LEU A 73 -9.82 2.01 -24.16
CA LEU A 73 -10.28 3.15 -23.30
C LEU A 73 -10.96 4.22 -24.16
N ARG A 74 -10.46 4.43 -25.38
CA ARG A 74 -10.98 5.46 -26.30
C ARG A 74 -12.46 5.19 -26.60
N ARG A 75 -12.80 3.95 -26.93
CA ARG A 75 -14.15 3.60 -27.44
C ARG A 75 -15.20 3.67 -26.33
N CYS A 76 -14.83 3.79 -25.05
CA CYS A 76 -15.80 3.86 -23.92
C CYS A 76 -15.73 5.17 -23.14
N PHE A 77 -14.82 6.10 -23.46
CA PHE A 77 -14.69 7.37 -22.69
C PHE A 77 -14.52 8.63 -23.55
N PHE A 78 -14.20 8.50 -24.84
CA PHE A 78 -13.60 9.61 -25.64
C PHE A 78 -14.60 10.74 -25.85
N TRP A 79 -15.87 10.43 -26.12
CA TRP A 79 -16.88 11.46 -26.44
C TRP A 79 -17.25 12.24 -25.18
N ARG A 80 -17.45 11.55 -24.06
CA ARG A 80 -17.71 12.19 -22.75
C ARG A 80 -16.45 12.91 -22.27
N PHE A 81 -15.26 12.47 -22.69
CA PHE A 81 -14.00 13.21 -22.41
C PHE A 81 -14.04 14.57 -23.13
N MET A 82 -14.21 14.54 -24.45
CA MET A 82 -14.12 15.75 -25.30
C MET A 82 -15.33 16.66 -25.11
N PHE A 83 -16.47 16.11 -24.68
CA PHE A 83 -17.71 16.87 -24.42
C PHE A 83 -17.47 17.92 -23.32
N TYR A 84 -16.74 17.56 -22.27
CA TYR A 84 -16.41 18.49 -21.16
C TYR A 84 -15.25 19.40 -21.58
N GLY A 85 -14.38 18.91 -22.47
CA GLY A 85 -13.22 19.68 -22.98
C GLY A 85 -13.61 21.00 -23.61
N ILE A 86 -14.67 21.01 -24.41
CA ILE A 86 -15.10 22.21 -25.18
C ILE A 86 -15.65 23.26 -24.21
N PHE A 87 -16.29 22.84 -23.11
CA PHE A 87 -16.78 23.76 -22.06
C PHE A 87 -15.58 24.33 -21.28
N LEU A 88 -14.60 23.47 -21.00
CA LEU A 88 -13.36 23.84 -20.30
C LEU A 88 -12.54 24.81 -21.17
N TYR A 89 -12.61 24.65 -22.49
CA TYR A 89 -11.95 25.57 -23.45
C TYR A 89 -12.61 26.96 -23.37
N LEU A 90 -13.93 27.00 -23.50
CA LEU A 90 -14.71 28.27 -23.47
C LEU A 90 -14.57 28.93 -22.10
N GLY A 91 -14.51 28.12 -21.04
CA GLY A 91 -14.31 28.60 -19.65
C GLY A 91 -12.93 29.19 -19.44
N GLU A 92 -11.94 28.71 -20.18
CA GLU A 92 -10.56 29.24 -20.12
C GLU A 92 -10.43 30.44 -21.06
N VAL A 93 -11.14 30.45 -22.19
CA VAL A 93 -11.09 31.55 -23.19
C VAL A 93 -11.62 32.83 -22.55
N THR A 94 -12.60 32.72 -21.67
CA THR A 94 -13.26 33.88 -21.01
C THR A 94 -12.32 34.56 -20.01
N LYS A 95 -11.23 33.91 -19.57
CA LYS A 95 -10.19 34.55 -18.73
C LYS A 95 -9.37 35.54 -19.56
N ALA A 96 -9.17 35.25 -20.85
CA ALA A 96 -8.29 36.04 -21.75
C ALA A 96 -8.96 37.36 -22.16
N VAL A 97 -10.30 37.42 -22.15
CA VAL A 97 -11.06 38.62 -22.57
C VAL A 97 -11.36 39.52 -21.35
N GLN A 98 -10.99 39.09 -20.15
CA GLN A 98 -11.26 39.83 -18.90
C GLN A 98 -10.48 41.15 -18.87
N PRO A 99 -9.18 41.20 -19.23
CA PRO A 99 -8.43 42.45 -19.25
C PRO A 99 -8.98 43.53 -20.21
N LEU A 100 -9.63 43.14 -21.30
CA LEU A 100 -10.22 44.08 -22.30
C LEU A 100 -11.31 44.91 -21.62
N LEU A 101 -12.22 44.26 -20.90
CA LEU A 101 -13.40 44.92 -20.29
C LEU A 101 -12.96 45.68 -19.03
N LEU A 102 -12.32 44.97 -18.10
CA LEU A 102 -11.85 45.56 -16.83
C LEU A 102 -10.86 46.69 -17.11
N GLY A 103 -9.98 46.49 -18.09
CA GLY A 103 -9.03 47.50 -18.57
C GLY A 103 -9.69 48.84 -18.79
N ARG A 104 -10.72 48.89 -19.62
CA ARG A 104 -11.49 50.13 -19.90
C ARG A 104 -12.14 50.65 -18.61
N ILE A 105 -12.74 49.75 -17.82
CA ILE A 105 -13.44 50.13 -16.56
C ILE A 105 -12.45 50.78 -15.59
N ILE A 106 -11.19 50.36 -15.57
CA ILE A 106 -10.15 51.06 -14.75
C ILE A 106 -9.87 52.42 -15.42
N ALA A 107 -9.78 52.44 -16.76
CA ALA A 107 -9.42 53.64 -17.53
C ALA A 107 -10.48 54.73 -17.36
N SER A 108 -11.74 54.37 -17.14
CA SER A 108 -12.89 55.32 -17.07
C SER A 108 -12.82 56.16 -15.79
N TYR A 109 -11.90 55.86 -14.87
CA TYR A 109 -11.69 56.68 -13.65
C TYR A 109 -10.87 57.94 -13.98
N ASP A 110 -10.21 57.97 -15.14
CA ASP A 110 -9.30 59.06 -15.54
C ASP A 110 -10.08 60.34 -15.85
N PRO A 111 -9.77 61.48 -15.19
CA PRO A 111 -10.46 62.75 -15.42
C PRO A 111 -10.41 63.31 -16.84
N ASP A 112 -9.28 63.08 -17.53
CA ASP A 112 -9.22 63.35 -18.97
C ASP A 112 -10.49 62.73 -19.53
N ASN A 113 -11.34 63.56 -20.12
CA ASN A 113 -12.69 63.10 -20.51
C ASN A 113 -12.56 62.27 -21.79
N LYS A 114 -12.42 60.96 -21.62
CA LYS A 114 -12.34 59.97 -22.72
C LYS A 114 -13.75 59.55 -23.12
N GLU A 115 -13.83 58.65 -24.09
CA GLU A 115 -15.09 58.00 -24.52
C GLU A 115 -15.50 56.91 -23.52
N GLU A 116 -14.59 56.45 -22.65
CA GLU A 116 -14.87 55.35 -21.69
C GLU A 116 -16.04 55.73 -20.79
N ARG A 117 -15.97 56.92 -20.17
CA ARG A 117 -17.10 57.46 -19.38
C ARG A 117 -18.42 56.96 -19.99
N SER A 118 -18.57 57.06 -21.32
CA SER A 118 -19.79 56.64 -22.07
C SER A 118 -20.07 55.13 -21.95
N ILE A 119 -19.06 54.29 -22.16
CA ILE A 119 -19.25 52.82 -22.33
C ILE A 119 -19.25 52.10 -20.98
N ALA A 120 -18.74 52.73 -19.92
CA ALA A 120 -18.35 52.08 -18.64
C ALA A 120 -19.48 51.21 -18.06
N ILE A 121 -20.72 51.71 -18.05
CA ILE A 121 -21.83 51.03 -17.35
C ILE A 121 -22.21 49.75 -18.11
N TYR A 122 -22.04 49.76 -19.43
CA TYR A 122 -22.33 48.58 -20.29
C TYR A 122 -21.23 47.53 -20.10
N LEU A 123 -19.98 47.98 -19.98
CA LEU A 123 -18.88 47.10 -19.52
C LEU A 123 -19.21 46.60 -18.11
N GLY A 124 -19.77 47.49 -17.29
CA GLY A 124 -20.24 47.21 -15.91
C GLY A 124 -21.22 46.05 -15.87
N ILE A 125 -22.22 46.07 -16.75
CA ILE A 125 -23.20 44.95 -16.90
C ILE A 125 -22.47 43.75 -17.50
N GLY A 126 -21.72 43.96 -18.58
CA GLY A 126 -21.09 42.89 -19.39
C GLY A 126 -20.09 42.05 -18.59
N LEU A 127 -19.23 42.73 -17.84
CA LEU A 127 -18.13 42.10 -17.07
C LEU A 127 -18.71 41.25 -15.94
N CYS A 128 -19.87 41.63 -15.40
CA CYS A 128 -20.60 40.84 -14.37
C CYS A 128 -21.11 39.53 -15.00
N LEU A 129 -21.76 39.64 -16.17
CA LEU A 129 -22.24 38.48 -16.95
C LEU A 129 -21.05 37.58 -17.36
N LEU A 130 -19.90 38.19 -17.64
CA LEU A 130 -18.65 37.48 -18.04
C LEU A 130 -18.17 36.56 -16.90
N PHE A 131 -18.09 37.07 -15.67
CA PHE A 131 -17.68 36.26 -14.50
C PHE A 131 -18.71 35.15 -14.24
N ILE A 132 -20.00 35.48 -14.29
CA ILE A 132 -21.11 34.55 -13.93
C ILE A 132 -21.06 33.30 -14.83
N VAL A 133 -20.79 33.49 -16.12
CA VAL A 133 -20.80 32.38 -17.12
C VAL A 133 -19.59 31.46 -16.92
N ARG A 134 -18.43 32.00 -16.52
CA ARG A 134 -17.17 31.23 -16.32
C ARG A 134 -17.26 30.33 -15.09
N THR A 135 -17.76 30.89 -13.98
CA THR A 135 -17.94 30.17 -12.71
C THR A 135 -18.85 28.96 -12.94
N LEU A 136 -19.90 29.15 -13.73
CA LEU A 136 -20.84 28.09 -14.14
C LEU A 136 -20.18 27.15 -15.16
N LEU A 137 -19.38 27.70 -16.06
CA LEU A 137 -18.85 26.94 -17.22
C LEU A 137 -17.69 26.03 -16.82
N LEU A 138 -16.83 26.45 -15.90
CA LEU A 138 -15.57 25.72 -15.57
C LEU A 138 -15.85 24.45 -14.75
N HIS A 139 -16.46 24.61 -13.58
CA HIS A 139 -16.40 23.61 -12.48
C HIS A 139 -17.17 22.33 -12.80
N PRO A 140 -18.36 22.37 -13.46
CA PRO A 140 -19.02 21.14 -13.91
C PRO A 140 -18.14 20.23 -14.79
N ALA A 141 -17.35 20.83 -15.69
CA ALA A 141 -16.44 20.10 -16.60
C ALA A 141 -15.30 19.45 -15.80
N ILE A 142 -14.78 20.13 -14.78
CA ILE A 142 -13.67 19.59 -13.93
C ILE A 142 -14.20 18.37 -13.18
N PHE A 143 -15.35 18.51 -12.55
CA PHE A 143 -16.02 17.41 -11.82
C PHE A 143 -16.33 16.28 -12.81
N GLY A 144 -16.80 16.64 -14.00
CA GLY A 144 -17.04 15.70 -15.10
C GLY A 144 -15.79 14.91 -15.45
N LEU A 145 -14.66 15.60 -15.54
CA LEU A 145 -13.36 14.99 -15.90
C LEU A 145 -12.82 14.14 -14.74
N HIS A 146 -12.98 14.59 -13.50
CA HIS A 146 -12.62 13.78 -12.31
C HIS A 146 -13.46 12.49 -12.27
N HIS A 147 -14.75 12.60 -12.59
CA HIS A 147 -15.70 11.48 -12.56
C HIS A 147 -15.37 10.45 -13.64
N ILE A 148 -14.92 10.90 -14.82
CA ILE A 148 -14.48 9.99 -15.91
C ILE A 148 -13.19 9.29 -15.48
N GLY A 149 -12.25 10.04 -14.89
CA GLY A 149 -10.94 9.51 -14.45
C GLY A 149 -11.08 8.43 -13.41
N MET A 150 -12.02 8.61 -12.49
CA MET A 150 -12.35 7.63 -11.44
C MET A 150 -12.85 6.33 -12.07
N GLN A 151 -13.70 6.44 -13.09
CA GLN A 151 -14.27 5.27 -13.80
C GLN A 151 -13.16 4.53 -14.57
N MET A 152 -12.23 5.27 -15.17
CA MET A 152 -11.09 4.68 -15.93
C MET A 152 -10.25 3.80 -14.98
N ARG A 153 -9.97 4.33 -13.80
CA ARG A 153 -9.06 3.68 -12.83
C ARG A 153 -9.73 2.44 -12.23
N ILE A 154 -11.02 2.52 -11.91
CA ILE A 154 -11.79 1.38 -11.34
C ILE A 154 -11.87 0.26 -12.38
N ALA A 155 -12.05 0.61 -13.65
CA ALA A 155 -12.14 -0.36 -14.75
C ALA A 155 -10.82 -1.13 -14.91
N MET A 156 -9.70 -0.40 -14.92
CA MET A 156 -8.35 -1.01 -15.11
C MET A 156 -7.98 -1.89 -13.91
N PHE A 157 -8.23 -1.39 -12.70
CA PHE A 157 -7.96 -2.12 -11.43
C PHE A 157 -8.68 -3.48 -11.44
N SER A 158 -9.91 -3.49 -11.92
CA SER A 158 -10.74 -4.72 -12.01
C SER A 158 -10.14 -5.71 -13.01
N LEU A 159 -9.58 -5.20 -14.10
CA LEU A 159 -8.94 -6.03 -15.15
C LEU A 159 -7.61 -6.60 -14.65
N ILE A 160 -6.87 -5.86 -13.83
CA ILE A 160 -5.59 -6.35 -13.24
C ILE A 160 -5.90 -7.50 -12.29
N TYR A 161 -6.94 -7.35 -11.46
CA TYR A 161 -7.27 -8.35 -10.42
C TYR A 161 -7.80 -9.64 -11.05
N LYS A 162 -8.52 -9.54 -12.17
CA LYS A 162 -8.94 -10.74 -12.94
C LYS A 162 -7.71 -11.39 -13.57
N LYS A 163 -6.84 -10.59 -14.15
CA LYS A 163 -5.61 -11.05 -14.85
C LYS A 163 -4.68 -11.78 -13.86
N THR A 164 -4.52 -11.24 -12.64
CA THR A 164 -3.57 -11.82 -11.65
C THR A 164 -4.05 -13.19 -11.15
N LEU A 165 -5.35 -13.49 -11.22
CA LEU A 165 -5.89 -14.81 -10.80
C LEU A 165 -5.65 -15.86 -11.90
N LYS A 166 -5.47 -15.45 -13.16
CA LYS A 166 -5.18 -16.36 -14.30
C LYS A 166 -3.68 -16.38 -14.64
N LEU A 167 -2.85 -15.74 -13.81
CA LEU A 167 -1.40 -15.58 -14.09
C LEU A 167 -0.67 -16.91 -13.84
N SER A 168 0.39 -17.16 -14.60
CA SER A 168 1.14 -18.45 -14.59
C SER A 168 1.97 -18.59 -13.31
N SER A 169 2.31 -19.83 -12.96
CA SER A 169 3.22 -20.17 -11.85
C SER A 169 4.66 -19.85 -12.23
N ARG A 170 4.96 -19.80 -13.54
CA ARG A 170 6.29 -19.41 -14.07
C ARG A 170 6.58 -17.95 -13.73
N VAL A 171 5.56 -17.10 -13.78
CA VAL A 171 5.67 -15.63 -13.66
C VAL A 171 5.75 -15.22 -12.17
N LEU A 172 5.09 -15.97 -11.27
CA LEU A 172 4.95 -15.59 -9.83
C LEU A 172 6.32 -15.34 -9.18
N ASP A 173 7.37 -16.03 -9.61
CA ASP A 173 8.75 -15.81 -9.08
C ASP A 173 9.26 -14.43 -9.49
N LYS A 174 8.95 -14.00 -10.72
CA LYS A 174 9.39 -12.69 -11.27
C LYS A 174 8.64 -11.55 -10.57
N ILE A 175 7.31 -11.60 -10.55
CA ILE A 175 6.46 -10.53 -9.97
C ILE A 175 6.20 -10.84 -8.50
N SER A 176 6.81 -10.04 -7.62
CA SER A 176 6.53 -9.99 -6.17
C SER A 176 5.32 -9.07 -5.92
N ILE A 177 4.85 -9.02 -4.68
CA ILE A 177 3.68 -8.18 -4.29
C ILE A 177 4.01 -6.69 -4.46
N GLY A 178 5.24 -6.29 -4.16
CA GLY A 178 5.72 -4.89 -4.28
C GLY A 178 5.54 -4.31 -5.67
N GLN A 179 5.57 -5.15 -6.71
CA GLN A 179 5.24 -4.76 -8.09
C GLN A 179 3.78 -4.33 -8.17
N LEU A 180 2.89 -5.12 -7.59
CA LEU A 180 1.41 -4.92 -7.70
C LEU A 180 0.98 -3.77 -6.79
N VAL A 181 1.49 -3.75 -5.56
CA VAL A 181 1.12 -2.71 -4.55
C VAL A 181 1.50 -1.33 -5.08
N SER A 182 2.72 -1.20 -5.60
CA SER A 182 3.28 0.09 -6.09
C SER A 182 2.45 0.60 -7.29
N LEU A 183 2.11 -0.29 -8.22
CA LEU A 183 1.33 0.04 -9.45
C LEU A 183 -0.02 0.67 -9.06
N LEU A 184 -0.71 0.05 -8.10
CA LEU A 184 -2.02 0.55 -7.60
C LEU A 184 -1.81 1.81 -6.75
N SER A 185 -0.78 1.80 -5.90
CA SER A 185 -0.51 2.92 -4.95
C SER A 185 -0.12 4.20 -5.70
N ASN A 186 0.59 4.09 -6.83
CA ASN A 186 0.97 5.26 -7.66
C ASN A 186 -0.28 5.90 -8.26
N ASN A 187 -1.11 5.10 -8.92
CA ASN A 187 -2.27 5.58 -9.73
C ASN A 187 -3.43 6.02 -8.84
N LEU A 188 -3.50 5.59 -7.58
CA LEU A 188 -4.77 5.55 -6.80
C LEU A 188 -5.43 6.92 -6.74
N ASN A 189 -4.67 8.00 -6.52
CA ASN A 189 -5.22 9.37 -6.47
C ASN A 189 -4.63 10.27 -7.58
N LYS A 190 -3.51 9.88 -8.18
CA LYS A 190 -2.80 10.70 -9.19
C LYS A 190 -3.58 10.70 -10.51
N PHE A 191 -4.16 9.57 -10.88
CA PHE A 191 -4.79 9.33 -12.21
C PHE A 191 -6.15 10.04 -12.30
N ASP A 192 -6.85 10.16 -11.19
CA ASP A 192 -8.24 10.71 -11.15
C ASP A 192 -8.21 12.23 -11.32
N GLU A 193 -7.37 12.89 -10.53
CA GLU A 193 -7.29 14.38 -10.48
C GLU A 193 -6.51 14.91 -11.69
N GLY A 194 -5.78 14.06 -12.41
CA GLY A 194 -4.96 14.43 -13.59
C GLY A 194 -5.80 14.84 -14.78
N LEU A 195 -6.94 14.19 -15.02
CA LEU A 195 -7.73 14.38 -16.27
C LEU A 195 -8.40 15.76 -16.31
N ALA A 196 -8.43 16.49 -15.20
CA ALA A 196 -8.74 17.93 -15.20
C ALA A 196 -7.66 18.70 -15.98
N LEU A 197 -6.39 18.38 -15.73
CA LEU A 197 -5.23 19.09 -16.32
C LEU A 197 -4.96 18.64 -17.77
N ALA A 198 -5.38 17.44 -18.14
CA ALA A 198 -4.94 16.75 -19.38
C ALA A 198 -5.31 17.56 -20.63
N HIS A 199 -6.42 18.30 -20.63
CA HIS A 199 -6.91 19.00 -21.85
C HIS A 199 -6.04 20.20 -22.20
N PHE A 200 -5.35 20.80 -21.23
CA PHE A 200 -4.63 22.07 -21.44
C PHE A 200 -3.47 21.90 -22.43
N VAL A 201 -3.18 20.67 -22.85
CA VAL A 201 -2.29 20.37 -24.02
C VAL A 201 -2.76 21.17 -25.23
N TRP A 202 -4.06 21.12 -25.55
CA TRP A 202 -4.60 21.80 -26.75
C TRP A 202 -5.36 23.08 -26.37
N ILE A 203 -5.64 23.33 -25.09
CA ILE A 203 -6.23 24.62 -24.65
C ILE A 203 -5.16 25.70 -24.69
N ALA A 204 -3.95 25.40 -24.20
CA ALA A 204 -2.90 26.42 -23.92
C ALA A 204 -2.38 27.06 -25.21
N PRO A 205 -2.07 26.31 -26.30
CA PRO A 205 -1.63 26.93 -27.55
C PRO A 205 -2.63 27.93 -28.17
N LEU A 206 -3.91 27.53 -28.23
CA LEU A 206 -5.00 28.39 -28.74
C LEU A 206 -5.15 29.62 -27.85
N GLN A 207 -4.96 29.44 -26.54
CA GLN A 207 -4.97 30.53 -25.54
C GLN A 207 -3.82 31.49 -25.80
N VAL A 208 -2.62 30.95 -26.04
CA VAL A 208 -1.41 31.74 -26.39
C VAL A 208 -1.69 32.51 -27.69
N ALA A 209 -2.23 31.83 -28.70
CA ALA A 209 -2.58 32.44 -30.00
C ALA A 209 -3.60 33.58 -29.81
N LEU A 210 -4.64 33.32 -29.02
CA LEU A 210 -5.73 34.29 -28.75
C LEU A 210 -5.17 35.49 -27.97
N LEU A 211 -4.30 35.25 -26.98
CA LEU A 211 -3.71 36.32 -26.15
C LEU A 211 -2.70 37.13 -26.96
N MET A 212 -1.89 36.46 -27.79
CA MET A 212 -0.78 37.11 -28.56
C MET A 212 -1.34 38.17 -29.52
N GLY A 213 -2.53 37.94 -30.08
CA GLY A 213 -3.21 38.94 -30.93
C GLY A 213 -3.63 40.17 -30.16
N LEU A 214 -4.26 39.95 -29.00
CA LEU A 214 -4.74 41.03 -28.09
C LEU A 214 -3.56 41.87 -27.58
N ILE A 215 -2.40 41.25 -27.37
CA ILE A 215 -1.16 41.99 -27.01
C ILE A 215 -0.64 42.66 -28.28
N TRP A 216 -0.64 41.97 -29.41
CA TRP A 216 -0.18 42.49 -30.73
C TRP A 216 -0.93 43.78 -31.09
N GLU A 217 -2.19 43.85 -30.68
CA GLU A 217 -3.01 45.07 -30.83
C GLU A 217 -2.34 46.24 -30.10
N LEU A 218 -1.86 46.02 -28.88
CA LEU A 218 -1.24 47.08 -28.04
C LEU A 218 0.19 47.35 -28.50
N LEU A 219 1.02 46.31 -28.56
CA LEU A 219 2.44 46.42 -28.94
C LEU A 219 2.69 45.62 -30.21
N GLN A 220 3.09 46.28 -31.29
CA GLN A 220 3.11 45.67 -32.64
C GLN A 220 4.30 44.71 -32.78
N ALA A 221 5.50 45.16 -32.41
CA ALA A 221 6.75 44.42 -32.68
C ALA A 221 7.14 43.57 -31.46
N SER A 222 7.10 44.18 -30.29
CA SER A 222 7.81 43.70 -29.09
C SER A 222 7.12 42.45 -28.49
N ALA A 223 5.81 42.33 -28.64
CA ALA A 223 5.04 41.21 -28.03
C ALA A 223 5.63 39.88 -28.49
N PHE A 224 5.96 39.78 -29.77
CA PHE A 224 6.71 38.62 -30.32
C PHE A 224 8.08 38.57 -29.65
N CYS A 225 8.74 39.72 -29.49
CA CYS A 225 10.03 39.81 -28.78
C CYS A 225 9.92 39.20 -27.37
N GLY A 226 8.81 39.49 -26.67
CA GLY A 226 8.50 38.91 -25.35
C GLY A 226 8.23 37.41 -25.43
N LEU A 227 7.32 37.02 -26.32
CA LEU A 227 6.90 35.60 -26.50
C LEU A 227 8.14 34.70 -26.61
N GLY A 228 9.16 35.14 -27.35
CA GLY A 228 10.44 34.42 -27.52
C GLY A 228 11.06 33.99 -26.20
N PHE A 229 10.95 34.82 -25.17
CA PHE A 229 11.43 34.49 -23.81
C PHE A 229 10.65 33.28 -23.26
N LEU A 230 9.34 33.23 -23.49
CA LEU A 230 8.46 32.13 -23.01
C LEU A 230 8.70 30.86 -23.82
N ILE A 231 9.01 30.99 -25.11
CA ILE A 231 9.47 29.84 -25.94
C ILE A 231 10.82 29.35 -25.38
N VAL A 232 11.73 30.29 -25.11
CA VAL A 232 13.05 29.97 -24.51
C VAL A 232 12.82 29.21 -23.19
N LEU A 233 11.88 29.68 -22.38
CA LEU A 233 11.62 29.18 -21.00
C LEU A 233 10.83 27.86 -21.03
N ALA A 234 9.90 27.70 -21.98
CA ALA A 234 9.05 26.49 -22.10
C ALA A 234 9.91 25.26 -22.43
N LEU A 235 10.91 25.45 -23.29
CA LEU A 235 11.87 24.38 -23.67
C LEU A 235 12.71 23.99 -22.45
N PHE A 236 13.07 24.96 -21.62
CA PHE A 236 13.82 24.74 -20.36
C PHE A 236 13.00 23.86 -19.41
N GLN A 237 11.70 24.11 -19.32
CA GLN A 237 10.77 23.33 -18.46
C GLN A 237 10.60 21.91 -18.99
N ALA A 238 10.50 21.77 -20.31
CA ALA A 238 10.41 20.45 -20.99
C ALA A 238 11.71 19.67 -20.74
N GLY A 239 12.85 20.36 -20.70
CA GLY A 239 14.16 19.78 -20.34
C GLY A 239 14.17 19.26 -18.91
N LEU A 240 13.63 20.04 -17.98
CA LEU A 240 13.48 19.63 -16.55
C LEU A 240 12.52 18.43 -16.49
N GLY A 241 11.43 18.48 -17.25
CA GLY A 241 10.39 17.43 -17.31
C GLY A 241 10.96 16.07 -17.68
N ARG A 242 11.76 16.00 -18.74
CA ARG A 242 12.42 14.75 -19.20
C ARG A 242 13.41 14.29 -18.13
N MET A 243 14.17 15.23 -17.56
CA MET A 243 15.21 14.92 -16.55
C MET A 243 14.54 14.31 -15.31
N MET A 244 13.39 14.87 -14.90
CA MET A 244 12.67 14.48 -13.65
C MET A 244 12.00 13.10 -13.77
N MET A 245 11.81 12.60 -14.99
CA MET A 245 11.21 11.26 -15.25
C MET A 245 12.28 10.22 -15.53
N LYS A 246 13.56 10.60 -15.47
CA LYS A 246 14.70 9.67 -15.54
C LYS A 246 15.19 9.38 -14.12
N TYR A 247 14.89 10.28 -13.18
CA TYR A 247 15.20 10.12 -11.74
C TYR A 247 14.13 9.26 -11.07
N ARG A 248 12.93 9.19 -11.65
CA ARG A 248 11.76 8.51 -11.04
C ARG A 248 11.72 7.03 -11.43
N ASP A 249 12.39 6.65 -12.51
CA ASP A 249 12.44 5.24 -13.00
C ASP A 249 13.60 4.48 -12.35
N GLN A 250 14.60 5.19 -11.83
CA GLN A 250 15.70 4.58 -11.06
C GLN A 250 15.18 4.20 -9.68
N ARG A 251 14.39 5.09 -9.07
CA ARG A 251 13.82 4.94 -7.70
C ARG A 251 12.71 3.88 -7.69
N ALA A 252 11.93 3.79 -8.76
CA ALA A 252 10.75 2.89 -8.88
C ALA A 252 11.14 1.43 -8.67
N GLY A 253 12.35 1.03 -9.09
CA GLY A 253 12.91 -0.30 -8.82
C GLY A 253 13.16 -0.53 -7.33
N LYS A 254 13.53 0.53 -6.61
CA LYS A 254 13.98 0.44 -5.20
C LYS A 254 12.77 0.27 -4.27
N ILE A 255 11.68 0.99 -4.54
CA ILE A 255 10.46 1.04 -3.67
C ILE A 255 9.83 -0.35 -3.55
N SER A 256 9.82 -1.10 -4.64
CA SER A 256 9.24 -2.47 -4.70
C SER A 256 9.98 -3.40 -3.72
N GLU A 257 11.30 -3.32 -3.71
CA GLU A 257 12.18 -4.15 -2.84
C GLU A 257 11.95 -3.80 -1.37
N ARG A 258 11.69 -2.53 -1.06
CA ARG A 258 11.50 -2.08 0.35
C ARG A 258 10.18 -2.61 0.90
N LEU A 259 9.14 -2.64 0.09
CA LEU A 259 7.78 -3.06 0.53
C LEU A 259 7.73 -4.56 0.79
N VAL A 260 8.42 -5.38 -0.03
CA VAL A 260 8.45 -6.87 0.17
C VAL A 260 9.20 -7.21 1.46
N ILE A 261 10.25 -6.48 1.80
CA ILE A 261 11.05 -6.72 3.04
C ILE A 261 10.22 -6.25 4.24
N THR A 262 9.58 -5.09 4.13
CA THR A 262 8.75 -4.49 5.21
C THR A 262 7.52 -5.37 5.47
N SER A 263 6.86 -5.85 4.41
CA SER A 263 5.68 -6.75 4.53
C SER A 263 6.08 -8.04 5.24
N GLU A 264 7.13 -8.70 4.75
CA GLU A 264 7.62 -10.01 5.24
C GLU A 264 7.92 -9.95 6.75
N MET A 265 8.67 -8.94 7.19
CA MET A 265 9.16 -8.87 8.59
C MET A 265 7.99 -8.60 9.55
N ILE A 266 7.06 -7.74 9.16
CA ILE A 266 5.90 -7.37 10.01
C ILE A 266 4.88 -8.51 9.98
N GLU A 267 4.72 -9.19 8.85
CA GLU A 267 3.79 -10.35 8.73
C GLU A 267 4.14 -11.42 9.76
N ASN A 268 5.42 -11.60 10.10
CA ASN A 268 5.87 -12.63 11.08
C ASN A 268 6.84 -12.00 12.08
N ILE A 269 6.42 -10.94 12.76
CA ILE A 269 7.28 -10.19 13.71
C ILE A 269 7.65 -11.07 14.91
N GLN A 270 6.77 -11.99 15.29
CA GLN A 270 6.94 -12.83 16.51
C GLN A 270 8.28 -13.56 16.46
N SER A 271 8.71 -13.99 15.28
CA SER A 271 10.05 -14.61 15.06
C SER A 271 11.15 -13.54 15.14
N VAL A 272 10.90 -12.38 14.54
CA VAL A 272 11.86 -11.23 14.49
C VAL A 272 12.18 -10.78 15.93
N LYS A 273 11.21 -10.85 16.84
CA LYS A 273 11.42 -10.47 18.27
C LYS A 273 12.20 -11.57 19.00
N ALA A 274 11.93 -12.84 18.67
CA ALA A 274 12.58 -14.01 19.31
C ALA A 274 14.09 -14.01 18.98
N TYR A 275 14.44 -13.86 17.70
CA TYR A 275 15.85 -13.84 17.24
C TYR A 275 16.56 -12.56 17.70
N CYS A 276 15.80 -11.47 17.90
CA CYS A 276 16.31 -10.11 18.28
C CYS A 276 16.95 -9.47 17.05
N TRP A 277 16.16 -9.36 15.98
CA TRP A 277 16.53 -8.66 14.72
C TRP A 277 15.76 -7.34 14.62
N GLU A 278 16.06 -6.40 15.51
CA GLU A 278 15.55 -5.00 15.38
C GLU A 278 16.64 -4.19 14.69
N GLU A 279 17.83 -4.25 15.26
CA GLU A 279 19.05 -3.61 14.71
C GLU A 279 19.23 -4.05 13.25
N ALA A 280 19.17 -5.35 13.00
CA ALA A 280 19.42 -5.97 11.68
C ALA A 280 18.40 -5.49 10.64
N MET A 281 17.11 -5.55 10.97
CA MET A 281 16.01 -5.20 10.03
C MET A 281 16.03 -3.68 9.75
N GLU A 282 16.25 -2.87 10.78
CA GLU A 282 16.29 -1.39 10.64
C GLU A 282 17.47 -0.98 9.74
N LYS A 283 18.65 -1.58 9.94
CA LYS A 283 19.85 -1.26 9.13
C LYS A 283 19.64 -1.70 7.68
N MET A 284 18.88 -2.76 7.46
CA MET A 284 18.57 -3.27 6.11
C MET A 284 17.66 -2.29 5.37
N ILE A 285 16.56 -1.89 6.00
CA ILE A 285 15.59 -0.91 5.43
C ILE A 285 16.27 0.46 5.31
N GLU A 286 17.17 0.78 6.23
CA GLU A 286 17.96 2.04 6.21
C GLU A 286 18.74 2.12 4.88
N ASN A 287 19.43 1.05 4.49
CA ASN A 287 20.32 1.01 3.30
C ASN A 287 19.49 1.12 2.01
N LEU A 288 18.23 0.66 2.01
CA LEU A 288 17.35 0.77 0.82
C LEU A 288 16.86 2.22 0.63
N ARG A 289 16.67 2.96 1.72
CA ARG A 289 16.24 4.38 1.65
C ARG A 289 17.34 5.23 1.02
N GLN A 290 18.60 4.97 1.38
CA GLN A 290 19.76 5.80 0.98
C GLN A 290 19.64 6.15 -0.50
N THR A 291 19.55 5.11 -1.34
CA THR A 291 19.44 5.21 -2.81
C THR A 291 18.16 5.98 -3.18
N GLU A 292 17.05 5.62 -2.55
CA GLU A 292 15.70 6.18 -2.81
C GLU A 292 15.71 7.70 -2.58
N LEU A 293 16.17 8.14 -1.40
CA LEU A 293 16.12 9.57 -1.02
C LEU A 293 17.12 10.40 -1.83
N LYS A 294 18.25 9.80 -2.21
CA LYS A 294 19.23 10.44 -3.12
C LYS A 294 18.51 10.83 -4.41
N LEU A 295 17.80 9.87 -5.00
CA LEU A 295 17.04 10.06 -6.26
C LEU A 295 15.83 10.97 -6.03
N THR A 296 15.21 10.91 -4.85
CA THR A 296 14.06 11.79 -4.49
C THR A 296 14.50 13.25 -4.43
N ARG A 297 15.64 13.52 -3.77
CA ARG A 297 16.18 14.91 -3.65
C ARG A 297 16.51 15.47 -5.03
N LYS A 298 17.20 14.68 -5.85
CA LYS A 298 17.62 15.08 -7.22
C LYS A 298 16.38 15.38 -8.06
N ALA A 299 15.36 14.52 -8.00
CA ALA A 299 14.05 14.73 -8.70
C ALA A 299 13.36 15.98 -8.15
N ALA A 300 13.40 16.18 -6.84
CA ALA A 300 12.74 17.33 -6.17
C ALA A 300 13.39 18.65 -6.59
N TYR A 301 14.72 18.67 -6.80
CA TYR A 301 15.44 19.91 -7.19
C TYR A 301 15.03 20.36 -8.60
N VAL A 302 14.83 19.42 -9.51
CA VAL A 302 14.41 19.69 -10.92
C VAL A 302 12.92 20.08 -10.91
N ARG A 303 12.17 19.56 -9.95
CA ARG A 303 10.71 19.82 -9.83
C ARG A 303 10.50 21.26 -9.35
N TYR A 304 11.37 21.76 -8.48
CA TYR A 304 11.30 23.15 -7.93
C TYR A 304 11.37 24.16 -9.08
N PHE A 305 12.42 24.08 -9.89
CA PHE A 305 12.65 24.99 -11.04
C PHE A 305 11.43 25.01 -11.95
N ASN A 306 10.84 23.84 -12.19
CA ASN A 306 9.64 23.67 -13.04
C ASN A 306 8.47 24.45 -12.44
N SER A 307 8.33 24.41 -11.11
CA SER A 307 7.26 25.12 -10.37
C SER A 307 7.71 26.51 -9.93
N SER A 308 8.93 26.93 -10.29
CA SER A 308 9.49 28.24 -9.91
C SER A 308 9.86 29.03 -11.17
N ALA A 309 9.30 28.68 -12.32
CA ALA A 309 9.58 29.34 -13.61
C ALA A 309 8.40 30.20 -14.04
N PHE A 310 7.37 30.29 -13.19
CA PHE A 310 6.18 31.14 -13.40
C PHE A 310 6.32 32.45 -12.63
N PHE A 311 6.76 32.36 -11.39
CA PHE A 311 6.89 33.50 -10.46
C PHE A 311 7.99 34.44 -10.97
N PHE A 312 9.13 33.88 -11.36
CA PHE A 312 10.28 34.66 -11.88
C PHE A 312 9.99 35.19 -13.28
N SER A 313 9.34 34.37 -14.10
CA SER A 313 9.00 34.69 -15.51
C SER A 313 8.28 36.04 -15.62
N GLY A 314 7.41 36.35 -14.66
CA GLY A 314 6.50 37.52 -14.68
C GLY A 314 7.15 38.82 -15.03
N PHE A 315 8.18 39.21 -14.29
CA PHE A 315 8.81 40.54 -14.44
C PHE A 315 9.46 40.65 -15.81
N PHE A 316 10.14 39.59 -16.24
CA PHE A 316 11.02 39.63 -17.44
C PHE A 316 10.18 39.63 -18.72
N VAL A 317 9.01 38.99 -18.73
CA VAL A 317 8.13 38.91 -19.94
C VAL A 317 7.62 40.31 -20.28
N VAL A 318 7.27 41.08 -19.26
CA VAL A 318 6.72 42.45 -19.42
C VAL A 318 7.87 43.40 -19.76
N PHE A 319 8.99 43.30 -19.04
CA PHE A 319 10.15 44.20 -19.18
C PHE A 319 10.67 44.18 -20.61
N LEU A 320 10.91 42.99 -21.15
CA LEU A 320 11.43 42.79 -22.53
C LEU A 320 10.36 43.19 -23.56
N SER A 321 9.08 43.18 -23.18
CA SER A 321 7.96 43.58 -24.05
C SER A 321 7.83 45.10 -24.12
N VAL A 322 7.90 45.79 -22.98
CA VAL A 322 7.61 47.25 -22.94
C VAL A 322 8.86 48.04 -23.34
N LEU A 323 10.05 47.50 -23.07
CA LEU A 323 11.32 48.24 -23.23
C LEU A 323 11.49 48.68 -24.69
N PRO A 324 11.37 47.78 -25.70
CA PRO A 324 11.53 48.18 -27.11
C PRO A 324 10.52 49.21 -27.62
N TYR A 325 9.26 49.10 -27.19
CA TYR A 325 8.19 50.06 -27.55
C TYR A 325 8.51 51.42 -26.92
N ALA A 326 9.08 51.39 -25.71
CA ALA A 326 9.40 52.59 -24.93
C ALA A 326 10.50 53.40 -25.64
N LEU A 327 11.51 52.75 -26.23
CA LEU A 327 12.68 53.46 -26.81
C LEU A 327 12.27 54.25 -28.05
N ILE A 328 11.35 53.72 -28.85
CA ILE A 328 10.98 54.35 -30.16
C ILE A 328 9.83 55.34 -29.93
N LYS A 329 8.71 54.88 -29.39
CA LYS A 329 7.44 55.64 -29.41
C LYS A 329 7.24 56.33 -28.05
N GLY A 330 7.61 55.66 -26.96
CA GLY A 330 7.19 56.02 -25.59
C GLY A 330 5.97 55.23 -25.19
N ILE A 331 5.63 55.29 -23.90
CA ILE A 331 4.55 54.43 -23.34
C ILE A 331 3.71 55.26 -22.37
N ILE A 332 2.41 55.00 -22.35
CA ILE A 332 1.47 55.52 -21.34
C ILE A 332 1.24 54.40 -20.32
N LEU A 333 1.00 54.75 -19.06
CA LEU A 333 0.93 53.78 -17.93
C LEU A 333 -0.32 52.91 -18.06
N ARG A 334 -1.34 53.41 -18.74
CA ARG A 334 -2.52 52.62 -19.14
C ARG A 334 -2.07 51.39 -19.94
N LYS A 335 -1.13 51.56 -20.86
CA LYS A 335 -0.67 50.49 -21.78
C LYS A 335 0.13 49.43 -21.02
N ILE A 336 0.99 49.86 -20.10
CA ILE A 336 1.89 48.96 -19.35
C ILE A 336 1.03 47.98 -18.55
N PHE A 337 0.03 48.48 -17.84
CA PHE A 337 -0.84 47.69 -16.94
C PHE A 337 -1.71 46.70 -17.74
N THR A 338 -2.20 47.08 -18.93
CA THR A 338 -3.03 46.18 -19.76
C THR A 338 -2.19 44.99 -20.22
N THR A 339 -0.93 45.26 -20.59
CA THR A 339 0.10 44.25 -20.95
C THR A 339 0.33 43.29 -19.78
N ILE A 340 0.55 43.84 -18.59
CA ILE A 340 0.70 43.06 -17.32
C ILE A 340 -0.45 42.05 -17.25
N SER A 341 -1.68 42.53 -17.34
CA SER A 341 -2.92 41.73 -17.17
C SER A 341 -2.97 40.60 -18.20
N PHE A 342 -2.62 40.87 -19.46
CA PHE A 342 -2.55 39.80 -20.48
C PHE A 342 -1.44 38.82 -20.13
N CYS A 343 -0.27 39.33 -19.71
CA CYS A 343 0.93 38.50 -19.44
C CYS A 343 0.63 37.40 -18.42
N ILE A 344 -0.08 37.74 -17.34
CA ILE A 344 -0.32 36.83 -16.18
C ILE A 344 -1.05 35.58 -16.68
N VAL A 345 -2.09 35.78 -17.50
CA VAL A 345 -2.88 34.69 -18.11
C VAL A 345 -1.97 33.86 -19.01
N LEU A 346 -1.14 34.53 -19.83
CA LEU A 346 -0.28 33.87 -20.84
C LEU A 346 0.69 32.90 -20.16
N ARG A 347 1.31 33.33 -19.05
CA ARG A 347 2.27 32.49 -18.28
C ARG A 347 1.49 31.35 -17.64
N MET A 348 0.43 31.69 -16.91
CA MET A 348 -0.50 30.68 -16.41
C MET A 348 -0.72 29.70 -17.56
N ALA A 349 -1.02 30.23 -18.75
CA ALA A 349 -1.27 29.41 -19.94
C ALA A 349 -0.04 28.57 -20.30
N VAL A 350 1.17 29.15 -20.32
CA VAL A 350 2.33 28.53 -21.02
C VAL A 350 3.38 28.00 -20.04
N THR A 351 3.25 28.25 -18.74
CA THR A 351 4.33 27.94 -17.77
C THR A 351 3.84 27.16 -16.54
N ARG A 352 2.53 27.00 -16.34
CA ARG A 352 2.01 26.05 -15.32
C ARG A 352 0.81 25.26 -15.85
N GLN A 353 0.21 25.65 -16.98
CA GLN A 353 -0.94 24.95 -17.57
C GLN A 353 -0.49 24.08 -18.75
N PHE A 354 0.65 24.39 -19.36
CA PHE A 354 1.27 23.56 -20.42
C PHE A 354 2.25 22.53 -19.84
N PRO A 355 3.12 22.84 -18.85
CA PRO A 355 4.06 21.84 -18.33
C PRO A 355 3.42 20.81 -17.39
N TRP A 356 2.22 21.11 -16.88
CA TRP A 356 1.45 20.23 -15.97
C TRP A 356 0.57 19.27 -16.77
N ALA A 357 0.24 19.64 -18.01
CA ALA A 357 -0.63 18.83 -18.89
C ALA A 357 0.21 17.70 -19.50
N VAL A 358 1.30 18.05 -20.17
CA VAL A 358 2.21 17.08 -20.84
C VAL A 358 2.66 16.04 -19.81
N GLN A 359 3.11 16.53 -18.66
CA GLN A 359 3.58 15.67 -17.56
C GLN A 359 2.50 14.67 -17.16
N THR A 360 1.23 15.04 -17.25
CA THR A 360 0.09 14.14 -16.95
C THR A 360 -0.06 13.11 -18.07
N TRP A 361 0.18 13.51 -19.32
CA TRP A 361 0.07 12.58 -20.48
C TRP A 361 1.14 11.49 -20.41
N TYR A 362 2.35 11.84 -19.98
CA TYR A 362 3.45 10.85 -19.83
C TYR A 362 3.10 9.80 -18.77
N ASP A 363 2.65 10.25 -17.60
CA ASP A 363 2.40 9.38 -16.41
C ASP A 363 1.22 8.44 -16.69
N SER A 364 0.15 8.98 -17.29
CA SER A 364 -1.08 8.20 -17.61
C SER A 364 -0.76 7.11 -18.64
N LEU A 365 -0.08 7.47 -19.72
CA LEU A 365 0.29 6.53 -20.81
C LEU A 365 1.35 5.55 -20.29
N GLY A 366 2.27 6.01 -19.45
CA GLY A 366 3.26 5.16 -18.78
C GLY A 366 2.60 4.12 -17.88
N ALA A 367 1.63 4.57 -17.06
CA ALA A 367 0.84 3.70 -16.17
C ALA A 367 -0.02 2.74 -17.01
N ILE A 368 -0.58 3.20 -18.12
CA ILE A 368 -1.41 2.36 -19.04
C ILE A 368 -0.50 1.33 -19.74
N ASN A 369 0.74 1.70 -20.08
CA ASN A 369 1.70 0.78 -20.74
C ASN A 369 2.08 -0.36 -19.80
N LYS A 370 2.30 -0.06 -18.51
CA LYS A 370 2.63 -1.09 -17.48
C LYS A 370 1.45 -2.04 -17.31
N ILE A 371 0.24 -1.50 -17.27
CA ILE A 371 -1.02 -2.30 -17.15
C ILE A 371 -1.19 -3.15 -18.42
N GLN A 372 -0.98 -2.56 -19.60
CA GLN A 372 -1.13 -3.27 -20.89
C GLN A 372 -0.07 -4.39 -20.99
N ASP A 373 1.14 -4.09 -20.55
CA ASP A 373 2.25 -5.07 -20.48
C ASP A 373 1.89 -6.17 -19.48
N PHE A 374 1.30 -5.79 -18.35
CA PHE A 374 0.88 -6.74 -17.28
C PHE A 374 -0.27 -7.63 -17.76
N LEU A 375 -1.15 -7.10 -18.61
CA LEU A 375 -2.30 -7.86 -19.14
C LEU A 375 -1.84 -8.87 -20.20
N GLN A 376 -0.73 -8.59 -20.89
CA GLN A 376 -0.17 -9.51 -21.92
C GLN A 376 1.02 -10.27 -21.31
N LYS A 377 0.72 -11.31 -20.55
CA LYS A 377 1.72 -12.18 -19.90
C LYS A 377 1.27 -13.63 -20.00
N GLN A 378 2.13 -14.55 -19.60
CA GLN A 378 1.88 -16.01 -19.73
C GLN A 378 0.79 -16.43 -18.74
N GLU A 379 -0.28 -17.04 -19.26
CA GLU A 379 -1.49 -17.40 -18.47
C GLU A 379 -1.43 -18.87 -18.04
N TYR A 380 -2.07 -19.15 -16.91
CA TYR A 380 -2.35 -20.54 -16.46
C TYR A 380 -3.39 -21.14 -17.41
N LYS A 381 -2.95 -22.08 -18.26
CA LYS A 381 -3.87 -22.78 -19.20
C LYS A 381 -4.59 -23.89 -18.44
N THR A 382 -5.83 -24.17 -18.83
CA THR A 382 -6.69 -25.22 -18.24
C THR A 382 -7.14 -26.17 -19.36
N LEU A 383 -7.07 -27.47 -19.11
CA LEU A 383 -7.33 -28.53 -20.12
C LEU A 383 -7.92 -29.77 -19.43
N GLU A 384 -9.14 -29.63 -18.90
CA GLU A 384 -9.81 -30.69 -18.09
C GLU A 384 -10.83 -31.44 -18.95
N TYR A 385 -10.74 -32.77 -18.98
CA TYR A 385 -11.63 -33.65 -19.78
C TYR A 385 -12.58 -34.38 -18.84
N ASN A 386 -13.78 -33.83 -18.72
CA ASN A 386 -14.88 -34.34 -17.86
C ASN A 386 -15.13 -35.82 -18.20
N LEU A 387 -15.06 -36.19 -19.47
CA LEU A 387 -15.17 -37.60 -19.90
C LEU A 387 -13.98 -38.39 -19.34
N THR A 388 -14.28 -39.42 -18.57
CA THR A 388 -13.29 -40.34 -17.97
C THR A 388 -14.03 -41.56 -17.41
N THR A 389 -13.27 -42.61 -17.07
CA THR A 389 -13.75 -43.74 -16.22
C THR A 389 -13.39 -43.46 -14.76
N THR A 390 -13.03 -42.22 -14.45
CA THR A 390 -12.47 -41.76 -13.15
C THR A 390 -11.20 -42.60 -13.02
N GLU A 391 -10.40 -42.58 -14.11
CA GLU A 391 -9.08 -43.23 -14.08
C GLU A 391 -8.00 -42.14 -14.08
N VAL A 392 -7.41 -41.89 -12.90
CA VAL A 392 -6.27 -40.94 -12.71
C VAL A 392 -5.04 -41.72 -13.19
N VAL A 393 -4.66 -41.48 -14.44
CA VAL A 393 -3.53 -42.15 -15.11
C VAL A 393 -2.44 -41.12 -15.41
N MET A 394 -1.20 -41.49 -15.16
CA MET A 394 0.01 -40.69 -15.41
C MET A 394 1.06 -41.61 -16.01
N GLU A 395 1.73 -41.18 -17.08
CA GLU A 395 2.75 -42.02 -17.77
C GLU A 395 3.87 -41.17 -18.37
N ASN A 396 5.10 -41.56 -18.06
CA ASN A 396 6.34 -41.14 -18.74
C ASN A 396 6.57 -39.63 -18.54
N VAL A 397 6.31 -39.14 -17.32
CA VAL A 397 6.29 -37.68 -17.00
C VAL A 397 7.66 -37.25 -16.50
N THR A 398 8.18 -36.17 -17.10
CA THR A 398 9.32 -35.39 -16.59
C THR A 398 8.89 -33.91 -16.50
N ALA A 399 9.55 -33.14 -15.64
CA ALA A 399 9.19 -31.74 -15.35
C ALA A 399 10.39 -30.95 -14.79
N PHE A 400 10.60 -29.76 -15.34
CA PHE A 400 11.58 -28.75 -14.84
C PHE A 400 10.80 -27.56 -14.30
N TRP A 401 11.33 -26.91 -13.25
CA TRP A 401 10.69 -25.70 -12.66
C TRP A 401 10.92 -24.50 -13.58
N GLU A 402 12.19 -24.12 -13.76
CA GLU A 402 12.57 -22.91 -14.53
C GLU A 402 12.40 -23.16 -16.03
N GLU A 403 12.39 -22.09 -16.80
CA GLU A 403 12.07 -22.11 -18.25
C GLU A 403 13.29 -22.59 -19.04
N GLY A 404 14.47 -22.04 -18.74
CA GLY A 404 15.70 -22.23 -19.54
C GLY A 404 16.04 -23.69 -19.76
N PHE A 405 16.23 -24.43 -18.67
CA PHE A 405 16.72 -25.84 -18.69
C PHE A 405 15.64 -26.76 -19.31
N GLY A 406 14.38 -26.52 -18.94
CA GLY A 406 13.21 -27.23 -19.52
C GLY A 406 13.12 -27.03 -21.02
N GLU A 407 13.22 -25.77 -21.46
CA GLU A 407 13.16 -25.37 -22.90
C GLU A 407 14.37 -25.95 -23.66
N LEU A 408 15.56 -25.88 -23.06
CA LEU A 408 16.80 -26.40 -23.71
C LEU A 408 16.75 -27.93 -23.75
N PHE A 409 16.17 -28.57 -22.73
CA PHE A 409 15.96 -30.05 -22.72
C PHE A 409 14.98 -30.42 -23.83
N LEU A 435 22.64 -30.67 -20.52
CA LEU A 435 22.43 -31.25 -19.17
C LEU A 435 22.74 -30.19 -18.12
N LEU A 436 21.98 -29.09 -18.16
CA LEU A 436 22.15 -27.93 -17.26
C LEU A 436 21.91 -28.35 -15.81
N GLY A 437 20.86 -29.13 -15.56
CA GLY A 437 20.44 -29.53 -14.22
C GLY A 437 19.51 -30.73 -14.23
N THR A 438 19.11 -31.15 -13.04
CA THR A 438 18.24 -32.35 -12.87
C THR A 438 16.79 -31.88 -12.82
N PRO A 439 15.87 -32.53 -13.58
CA PRO A 439 14.44 -32.28 -13.41
C PRO A 439 13.90 -32.91 -12.12
N VAL A 440 12.98 -32.21 -11.46
CA VAL A 440 12.43 -32.61 -10.12
C VAL A 440 11.61 -33.89 -10.26
N LEU A 441 11.14 -34.22 -11.46
CA LEU A 441 10.49 -35.51 -11.77
C LEU A 441 11.04 -36.06 -13.09
N LYS A 442 11.20 -37.38 -13.19
CA LYS A 442 11.56 -38.05 -14.46
C LYS A 442 11.20 -39.54 -14.39
N ASP A 443 10.60 -40.04 -15.47
CA ASP A 443 10.28 -41.48 -15.68
C ASP A 443 9.31 -41.96 -14.59
N ILE A 444 8.25 -41.20 -14.35
CA ILE A 444 7.16 -41.58 -13.42
C ILE A 444 6.00 -42.12 -14.25
N ASN A 445 5.28 -43.11 -13.72
CA ASN A 445 4.02 -43.61 -14.31
C ASN A 445 3.23 -44.36 -13.24
N PHE A 446 1.91 -44.13 -13.18
CA PHE A 446 1.00 -44.89 -12.27
C PHE A 446 -0.44 -44.92 -12.76
N LYS A 447 -1.17 -45.93 -12.28
CA LYS A 447 -2.62 -46.14 -12.58
C LYS A 447 -3.43 -46.17 -11.28
N ILE A 448 -4.53 -45.40 -11.23
CA ILE A 448 -5.36 -45.36 -10.00
C ILE A 448 -6.86 -45.49 -10.34
N GLU A 449 -7.47 -46.59 -9.91
CA GLU A 449 -8.94 -46.77 -9.85
C GLU A 449 -9.56 -45.88 -8.78
N ARG A 450 -10.89 -45.76 -8.83
CA ARG A 450 -11.72 -44.79 -8.03
C ARG A 450 -12.23 -45.47 -6.75
N GLY A 451 -11.64 -45.11 -5.62
CA GLY A 451 -11.97 -45.67 -4.30
C GLY A 451 -10.77 -46.32 -3.65
N GLN A 452 -9.65 -45.60 -3.67
CA GLN A 452 -8.35 -46.10 -3.17
C GLN A 452 -7.39 -44.92 -3.11
N LEU A 453 -6.54 -44.93 -2.10
CA LEU A 453 -5.62 -43.81 -1.79
C LEU A 453 -4.21 -44.22 -2.18
N LEU A 454 -3.46 -43.29 -2.78
CA LEU A 454 -2.01 -43.46 -3.05
C LEU A 454 -1.20 -42.92 -1.88
N ALA A 455 -0.20 -43.67 -1.42
CA ALA A 455 0.75 -43.24 -0.38
C ALA A 455 2.02 -42.73 -1.08
N VAL A 456 2.11 -41.41 -1.27
CA VAL A 456 3.30 -40.76 -1.87
C VAL A 456 4.33 -40.58 -0.75
N ALA A 457 5.42 -41.33 -0.82
CA ALA A 457 6.47 -41.34 0.23
C ALA A 457 7.81 -40.89 -0.35
N GLY A 458 8.70 -40.47 0.54
CA GLY A 458 10.07 -40.05 0.19
C GLY A 458 10.70 -39.13 1.22
N SER A 459 11.99 -38.87 1.03
CA SER A 459 12.78 -37.94 1.87
C SER A 459 12.49 -36.49 1.47
N THR A 460 13.03 -35.55 2.23
CA THR A 460 12.87 -34.09 1.97
C THR A 460 13.61 -33.71 0.69
N GLY A 461 12.88 -33.23 -0.31
CA GLY A 461 13.41 -32.86 -1.63
C GLY A 461 13.31 -34.01 -2.62
N ALA A 462 12.34 -34.89 -2.44
CA ALA A 462 12.06 -36.01 -3.37
C ALA A 462 11.27 -35.48 -4.56
N GLY A 463 10.19 -34.75 -4.28
CA GLY A 463 9.32 -34.14 -5.30
C GLY A 463 7.85 -34.47 -5.09
N LYS A 464 7.42 -34.55 -3.83
CA LYS A 464 6.07 -35.03 -3.46
C LYS A 464 5.08 -33.89 -3.68
N THR A 465 5.43 -32.69 -3.25
CA THR A 465 4.68 -31.45 -3.56
C THR A 465 4.68 -31.23 -5.08
N SER A 466 5.85 -31.40 -5.70
CA SER A 466 6.04 -31.22 -7.17
C SER A 466 5.11 -32.16 -7.93
N LEU A 467 4.98 -33.40 -7.48
CA LEU A 467 4.09 -34.39 -8.12
C LEU A 467 2.63 -33.87 -8.08
N LEU A 468 2.20 -33.35 -6.94
CA LEU A 468 0.83 -32.81 -6.76
C LEU A 468 0.63 -31.57 -7.63
N MET A 469 1.67 -30.77 -7.80
CA MET A 469 1.62 -29.56 -8.66
C MET A 469 1.44 -29.95 -10.12
N VAL A 470 2.00 -31.10 -10.53
CA VAL A 470 1.83 -31.63 -11.91
C VAL A 470 0.41 -32.16 -12.08
N ILE A 471 -0.14 -32.81 -11.04
CA ILE A 471 -1.53 -33.38 -11.09
C ILE A 471 -2.53 -32.23 -11.23
N MET A 472 -2.35 -31.14 -10.48
CA MET A 472 -3.26 -29.96 -10.54
C MET A 472 -3.09 -29.21 -11.86
N GLY A 473 -1.83 -29.05 -12.30
CA GLY A 473 -1.48 -28.36 -13.56
C GLY A 473 -0.84 -27.01 -13.32
N GLU A 474 -0.31 -26.76 -12.12
CA GLU A 474 0.48 -25.54 -11.82
C GLU A 474 1.85 -25.67 -12.48
N LEU A 475 2.49 -26.82 -12.32
CA LEU A 475 3.77 -27.16 -12.99
C LEU A 475 3.47 -27.96 -14.25
N GLU A 476 3.97 -27.48 -15.39
CA GLU A 476 3.70 -28.08 -16.72
C GLU A 476 4.84 -29.03 -17.06
N PRO A 477 4.55 -30.32 -17.41
CA PRO A 477 5.60 -31.27 -17.75
C PRO A 477 6.13 -31.08 -19.18
N SER A 478 7.42 -31.35 -19.37
CA SER A 478 8.12 -31.20 -20.66
C SER A 478 7.74 -32.35 -21.58
N GLU A 479 7.97 -33.57 -21.10
CA GLU A 479 7.57 -34.81 -21.80
C GLU A 479 6.74 -35.66 -20.83
N GLY A 480 5.60 -36.14 -21.30
CA GLY A 480 4.64 -36.93 -20.50
C GLY A 480 3.20 -36.57 -20.82
N LYS A 481 2.27 -37.26 -20.18
CA LYS A 481 0.82 -37.02 -20.35
C LYS A 481 0.09 -37.26 -19.04
N ILE A 482 -0.84 -36.35 -18.72
CA ILE A 482 -1.76 -36.45 -17.56
C ILE A 482 -3.18 -36.40 -18.11
N LYS A 483 -4.10 -37.12 -17.46
CA LYS A 483 -5.54 -36.91 -17.68
C LYS A 483 -6.34 -37.41 -16.48
N HIS A 484 -7.18 -36.51 -15.96
CA HIS A 484 -8.27 -36.78 -15.00
C HIS A 484 -9.40 -35.78 -15.29
N SER A 485 -10.54 -35.94 -14.61
CA SER A 485 -11.67 -34.97 -14.72
C SER A 485 -11.29 -33.67 -14.01
N GLY A 486 -12.01 -32.59 -14.34
CA GLY A 486 -11.71 -31.22 -13.89
C GLY A 486 -11.85 -31.01 -12.39
N ARG A 487 -12.74 -31.76 -11.74
CA ARG A 487 -13.04 -31.57 -10.30
C ARG A 487 -11.87 -32.12 -9.48
N ILE A 488 -11.36 -31.31 -8.57
CA ILE A 488 -10.18 -31.66 -7.74
C ILE A 488 -10.19 -30.83 -6.45
N SER A 489 -9.71 -31.42 -5.36
CA SER A 489 -9.51 -30.76 -4.05
C SER A 489 -8.03 -30.85 -3.66
N PHE A 490 -7.58 -29.90 -2.86
CA PHE A 490 -6.14 -29.70 -2.58
C PHE A 490 -5.96 -29.15 -1.16
N CYS A 491 -5.32 -29.94 -0.31
CA CYS A 491 -4.82 -29.50 1.02
C CYS A 491 -3.31 -29.30 0.93
N SER A 492 -2.88 -28.04 0.93
CA SER A 492 -1.46 -27.63 0.73
C SER A 492 -0.63 -27.93 1.98
N GLN A 493 0.68 -27.89 1.83
CA GLN A 493 1.64 -28.13 2.93
C GLN A 493 1.72 -26.89 3.81
N PHE A 494 1.88 -25.72 3.19
CA PHE A 494 1.74 -24.44 3.90
C PHE A 494 0.25 -24.07 3.93
N SER A 495 -0.36 -24.18 5.12
CA SER A 495 -1.81 -23.92 5.33
C SER A 495 -2.11 -22.44 5.10
N TRP A 496 -3.26 -22.15 4.49
CA TRP A 496 -3.67 -20.78 4.11
C TRP A 496 -5.07 -20.48 4.66
N ILE A 497 -5.19 -19.38 5.41
CA ILE A 497 -6.46 -18.95 6.04
C ILE A 497 -6.80 -17.56 5.51
N MET A 498 -7.89 -17.45 4.74
CA MET A 498 -8.39 -16.15 4.23
C MET A 498 -9.04 -15.38 5.37
N PRO A 499 -9.23 -14.04 5.25
CA PRO A 499 -9.80 -13.24 6.34
C PRO A 499 -11.31 -13.51 6.49
N GLY A 500 -11.74 -13.89 7.68
CA GLY A 500 -13.15 -14.11 8.01
C GLY A 500 -13.33 -15.15 9.08
N THR A 501 -14.49 -15.82 9.05
CA THR A 501 -14.90 -16.81 10.08
C THR A 501 -14.45 -18.21 9.67
N ILE A 502 -14.37 -19.08 10.67
CA ILE A 502 -13.98 -20.52 10.50
C ILE A 502 -14.98 -21.19 9.55
N LYS A 503 -16.25 -20.81 9.63
CA LYS A 503 -17.29 -21.28 8.68
C LYS A 503 -16.96 -20.82 7.25
N GLU A 504 -16.70 -19.53 7.09
CA GLU A 504 -16.36 -18.94 5.75
C GLU A 504 -15.08 -19.56 5.22
N ASN A 505 -14.17 -19.98 6.09
CA ASN A 505 -12.96 -20.74 5.67
C ASN A 505 -13.36 -22.15 5.22
N ILE A 506 -14.13 -22.87 6.01
CA ILE A 506 -14.35 -24.34 5.78
C ILE A 506 -15.29 -24.54 4.58
N ILE A 507 -16.32 -23.70 4.42
CA ILE A 507 -17.30 -23.85 3.29
C ILE A 507 -16.68 -23.25 2.02
N PHE A 508 -16.14 -22.04 2.12
CA PHE A 508 -15.30 -21.40 1.07
C PHE A 508 -16.14 -21.09 -0.18
N GLY A 509 -17.01 -20.09 -0.07
CA GLY A 509 -17.73 -19.48 -1.20
C GLY A 509 -18.78 -20.40 -1.81
N VAL A 510 -19.51 -21.13 -0.97
CA VAL A 510 -20.63 -22.00 -1.42
C VAL A 510 -21.74 -21.97 -0.36
N SER A 511 -22.87 -22.62 -0.66
CA SER A 511 -24.02 -22.76 0.25
C SER A 511 -23.64 -23.63 1.46
N TYR A 512 -24.44 -23.51 2.52
CA TYR A 512 -24.20 -24.17 3.82
C TYR A 512 -25.09 -25.41 3.92
N ASP A 513 -24.53 -26.49 4.48
CA ASP A 513 -25.22 -27.79 4.65
C ASP A 513 -24.97 -28.30 6.07
N GLU A 514 -25.97 -28.16 6.93
CA GLU A 514 -25.90 -28.49 8.38
C GLU A 514 -25.42 -29.93 8.58
N TYR A 515 -26.01 -30.86 7.83
CA TYR A 515 -25.69 -32.30 7.89
C TYR A 515 -24.21 -32.54 7.54
N ARG A 516 -23.76 -31.90 6.47
CA ARG A 516 -22.40 -32.08 5.89
C ARG A 516 -21.35 -31.45 6.81
N TYR A 517 -21.55 -30.19 7.15
CA TYR A 517 -20.58 -29.33 7.89
C TYR A 517 -20.27 -29.90 9.27
N ARG A 518 -21.31 -30.27 10.03
CA ARG A 518 -21.18 -30.89 11.38
C ARG A 518 -20.43 -32.22 11.28
N SER A 519 -20.79 -33.04 10.30
CA SER A 519 -20.18 -34.38 10.10
C SER A 519 -18.69 -34.22 9.74
N VAL A 520 -18.30 -33.15 9.05
CA VAL A 520 -16.87 -32.87 8.69
C VAL A 520 -16.10 -32.50 9.96
N ILE A 521 -16.67 -31.65 10.80
CA ILE A 521 -15.96 -31.05 11.97
C ILE A 521 -15.69 -32.13 13.03
N LYS A 522 -16.58 -33.12 13.16
CA LYS A 522 -16.42 -34.26 14.09
C LYS A 522 -15.44 -35.29 13.51
N ALA A 523 -15.42 -35.42 12.19
CA ALA A 523 -14.44 -36.30 11.48
C ALA A 523 -13.04 -35.72 11.67
N CYS A 524 -12.88 -34.42 11.36
CA CYS A 524 -11.60 -33.68 11.54
C CYS A 524 -11.33 -33.39 13.02
N GLN A 525 -12.35 -33.54 13.88
CA GLN A 525 -12.33 -33.30 15.35
C GLN A 525 -11.71 -31.93 15.66
N LEU A 526 -12.44 -30.88 15.28
CA LEU A 526 -12.22 -29.50 15.77
C LEU A 526 -13.25 -29.17 16.86
N GLU A 527 -14.17 -30.09 17.18
CA GLU A 527 -15.24 -29.87 18.19
C GLU A 527 -14.60 -29.48 19.54
N GLU A 528 -13.48 -30.12 19.89
CA GLU A 528 -12.67 -29.78 21.07
C GLU A 528 -12.22 -28.31 20.99
N ASP A 529 -11.54 -27.97 19.90
CA ASP A 529 -10.85 -26.67 19.72
C ASP A 529 -11.85 -25.52 19.51
N ILE A 530 -12.98 -25.80 18.85
CA ILE A 530 -14.01 -24.78 18.51
C ILE A 530 -14.83 -24.45 19.77
N SER A 531 -15.01 -25.42 20.67
CA SER A 531 -15.83 -25.24 21.89
C SER A 531 -15.11 -24.35 22.91
N LYS A 532 -13.77 -24.32 22.88
CA LYS A 532 -12.94 -23.52 23.81
C LYS A 532 -13.02 -22.03 23.46
N PHE A 533 -13.35 -21.68 22.22
CA PHE A 533 -13.54 -20.27 21.80
C PHE A 533 -14.83 -19.74 22.42
N ALA A 534 -14.89 -18.42 22.64
CA ALA A 534 -16.04 -17.72 23.26
C ALA A 534 -17.19 -17.66 22.24
N GLU A 535 -16.96 -16.97 21.12
CA GLU A 535 -17.83 -17.09 19.93
C GLU A 535 -17.55 -18.46 19.31
N LYS A 536 -18.48 -19.39 19.46
CA LYS A 536 -18.23 -20.83 19.26
C LYS A 536 -17.81 -21.08 17.80
N ASP A 537 -18.73 -20.92 16.87
CA ASP A 537 -18.46 -21.22 15.44
C ASP A 537 -17.61 -20.11 14.84
N ASN A 538 -18.14 -18.89 14.81
CA ASN A 538 -17.60 -17.79 13.97
C ASN A 538 -16.81 -16.83 14.84
N ILE A 539 -15.48 -16.84 14.66
CA ILE A 539 -14.58 -15.77 15.15
C ILE A 539 -13.83 -15.19 13.96
N VAL A 540 -13.72 -13.87 13.90
CA VAL A 540 -13.10 -13.17 12.73
C VAL A 540 -11.58 -13.33 12.84
N LEU A 541 -11.03 -14.25 12.05
CA LEU A 541 -9.57 -14.48 11.97
C LEU A 541 -8.93 -13.41 11.09
N GLY A 542 -7.70 -13.02 11.43
CA GLY A 542 -6.93 -12.04 10.66
C GLY A 542 -6.36 -12.63 9.38
N GLU A 543 -5.52 -11.86 8.71
CA GLU A 543 -4.82 -12.30 7.47
C GLU A 543 -3.77 -13.36 7.85
N GLY A 544 -4.07 -14.63 7.57
CA GLY A 544 -3.14 -15.76 7.84
C GLY A 544 -3.57 -16.61 9.02
N GLY A 545 -4.19 -15.99 10.03
CA GLY A 545 -4.78 -16.69 11.18
C GLY A 545 -3.75 -17.03 12.23
N ILE A 546 -3.01 -16.01 12.68
CA ILE A 546 -1.96 -16.15 13.74
C ILE A 546 -2.64 -16.30 15.11
N THR A 547 -3.94 -15.99 15.23
CA THR A 547 -4.77 -16.29 16.43
C THR A 547 -4.82 -17.81 16.64
N LEU A 548 -4.78 -18.59 15.56
CA LEU A 548 -4.76 -20.06 15.63
C LEU A 548 -3.32 -20.57 15.69
N SER A 549 -3.15 -21.74 16.32
CA SER A 549 -1.88 -22.50 16.32
C SER A 549 -1.72 -23.27 14.99
N GLY A 550 -0.58 -23.93 14.81
CA GLY A 550 -0.25 -24.69 13.59
C GLY A 550 -1.23 -25.82 13.33
N GLY A 551 -1.57 -26.56 14.38
CA GLY A 551 -2.50 -27.69 14.31
C GLY A 551 -3.90 -27.27 13.93
N GLN A 552 -4.35 -26.10 14.39
CA GLN A 552 -5.73 -25.62 14.14
C GLN A 552 -5.88 -25.16 12.69
N ARG A 553 -4.82 -24.61 12.10
CA ARG A 553 -4.83 -24.15 10.68
C ARG A 553 -4.84 -25.36 9.75
N ALA A 554 -3.97 -26.33 10.01
CA ALA A 554 -3.84 -27.57 9.19
C ALA A 554 -5.20 -28.28 9.07
N ARG A 555 -5.91 -28.43 10.20
CA ARG A 555 -7.21 -29.13 10.25
C ARG A 555 -8.32 -28.29 9.62
N ILE A 556 -8.20 -26.96 9.66
CA ILE A 556 -9.15 -26.06 8.95
C ILE A 556 -8.93 -26.22 7.45
N SER A 557 -7.67 -26.21 7.01
CA SER A 557 -7.31 -26.46 5.59
C SER A 557 -7.83 -27.84 5.16
N LEU A 558 -7.69 -28.85 6.03
CA LEU A 558 -8.18 -30.22 5.75
C LEU A 558 -9.71 -30.24 5.71
N ALA A 559 -10.36 -29.51 6.62
CA ALA A 559 -11.85 -29.42 6.67
C ALA A 559 -12.37 -28.74 5.40
N ARG A 560 -11.69 -27.69 4.94
CA ARG A 560 -12.03 -27.01 3.67
C ARG A 560 -11.88 -27.99 2.51
N ALA A 561 -10.85 -28.83 2.54
CA ALA A 561 -10.57 -29.84 1.49
C ALA A 561 -11.66 -30.92 1.53
N VAL A 562 -12.04 -31.38 2.72
CA VAL A 562 -13.01 -32.50 2.91
C VAL A 562 -14.42 -32.00 2.56
N TYR A 563 -14.77 -30.79 2.99
CA TYR A 563 -16.14 -30.23 2.79
C TYR A 563 -16.40 -30.03 1.29
N LYS A 564 -15.37 -29.63 0.55
CA LYS A 564 -15.42 -29.55 -0.93
C LYS A 564 -15.64 -30.96 -1.50
N ASP A 565 -16.43 -31.04 -2.57
CA ASP A 565 -16.75 -32.33 -3.24
C ASP A 565 -16.10 -32.36 -4.63
N ALA A 566 -15.42 -33.46 -4.93
CA ALA A 566 -14.65 -33.62 -6.18
C ALA A 566 -14.31 -35.09 -6.39
N ASP A 567 -13.77 -35.41 -7.55
CA ASP A 567 -13.37 -36.78 -7.95
C ASP A 567 -12.05 -37.14 -7.26
N LEU A 568 -11.11 -36.19 -7.18
CA LEU A 568 -9.73 -36.39 -6.66
C LEU A 568 -9.45 -35.42 -5.51
N TYR A 569 -9.00 -35.96 -4.38
CA TYR A 569 -8.56 -35.18 -3.17
C TYR A 569 -7.04 -35.32 -3.02
N LEU A 570 -6.31 -34.22 -3.16
CA LEU A 570 -4.85 -34.17 -2.90
C LEU A 570 -4.59 -33.66 -1.49
N LEU A 571 -3.74 -34.36 -0.75
CA LEU A 571 -3.45 -34.10 0.67
C LEU A 571 -1.94 -34.06 0.87
N ASP A 572 -1.39 -32.86 1.05
CA ASP A 572 0.08 -32.63 1.10
C ASP A 572 0.54 -32.65 2.57
N SER A 573 0.45 -33.82 3.19
CA SER A 573 0.94 -34.11 4.56
C SER A 573 0.23 -33.21 5.57
N PRO A 574 -1.08 -33.44 5.84
CA PRO A 574 -1.80 -32.67 6.85
C PRO A 574 -1.53 -33.09 8.31
N PHE A 575 -0.79 -34.19 8.52
CA PHE A 575 -0.52 -34.75 9.87
C PHE A 575 0.90 -34.37 10.33
N GLY A 576 1.41 -33.22 9.92
CA GLY A 576 2.75 -32.75 10.32
C GLY A 576 2.74 -32.20 11.72
N TYR A 577 1.81 -31.28 11.99
CA TYR A 577 1.73 -30.55 13.29
C TYR A 577 0.83 -31.29 14.28
N LEU A 578 0.24 -32.41 13.89
CA LEU A 578 -0.69 -33.16 14.77
C LEU A 578 0.07 -34.19 15.62
N ASP A 579 -0.39 -34.40 16.84
CA ASP A 579 0.09 -35.48 17.74
C ASP A 579 -0.43 -36.83 17.25
N VAL A 580 0.09 -37.91 17.82
CA VAL A 580 -0.12 -39.30 17.30
C VAL A 580 -1.58 -39.71 17.53
N LEU A 581 -2.16 -39.30 18.66
CA LEU A 581 -3.56 -39.63 19.03
C LEU A 581 -4.52 -38.99 18.01
N THR A 582 -4.37 -37.69 17.78
CA THR A 582 -5.18 -36.94 16.79
C THR A 582 -4.93 -37.52 15.38
N GLU A 583 -3.65 -37.76 15.06
CA GLU A 583 -3.22 -38.29 13.74
C GLU A 583 -3.92 -39.61 13.42
N LYS A 584 -3.95 -40.54 14.37
CA LYS A 584 -4.56 -41.88 14.15
C LYS A 584 -6.08 -41.75 14.02
N GLU A 585 -6.69 -41.02 14.95
CA GLU A 585 -8.16 -40.84 14.99
C GLU A 585 -8.63 -40.15 13.71
N ILE A 586 -7.94 -39.09 13.29
CA ILE A 586 -8.32 -38.29 12.08
C ILE A 586 -8.10 -39.15 10.82
N PHE A 587 -7.04 -39.95 10.79
CA PHE A 587 -6.79 -40.89 9.68
C PHE A 587 -7.89 -41.96 9.68
N GLU A 588 -8.09 -42.63 10.81
CA GLU A 588 -9.11 -43.69 10.95
C GLU A 588 -10.51 -43.09 11.10
N SER A 589 -10.70 -41.76 10.98
CA SER A 589 -12.02 -41.09 11.12
C SER A 589 -12.41 -40.31 9.86
N CYS A 590 -11.46 -39.85 9.04
CA CYS A 590 -11.76 -39.00 7.86
C CYS A 590 -11.32 -39.67 6.56
N VAL A 591 -10.03 -39.98 6.45
CA VAL A 591 -9.39 -40.47 5.19
C VAL A 591 -10.00 -41.82 4.80
N CYS A 592 -10.22 -42.73 5.76
CA CYS A 592 -10.69 -44.11 5.47
C CYS A 592 -12.18 -44.28 5.78
N LYS A 593 -12.85 -43.25 6.33
CA LYS A 593 -14.27 -43.35 6.74
C LYS A 593 -15.11 -42.40 5.88
N LEU A 594 -14.83 -41.11 5.97
CA LEU A 594 -15.69 -40.07 5.37
C LEU A 594 -15.57 -40.14 3.84
N MET A 595 -14.35 -40.35 3.33
CA MET A 595 -14.08 -40.56 1.89
C MET A 595 -13.33 -41.88 1.72
N ALA A 596 -13.99 -42.90 1.19
CA ALA A 596 -13.38 -44.24 0.97
C ALA A 596 -14.08 -44.97 -0.17
N ASN A 597 -14.37 -44.23 -1.24
CA ASN A 597 -14.89 -44.78 -2.53
C ASN A 597 -14.33 -43.97 -3.69
N LYS A 598 -13.31 -43.14 -3.44
CA LYS A 598 -12.70 -42.27 -4.48
C LYS A 598 -11.18 -42.20 -4.49
N THR A 599 -10.63 -41.79 -5.62
CA THR A 599 -9.18 -41.59 -5.75
C THR A 599 -8.81 -40.45 -4.81
N ARG A 600 -7.87 -40.70 -3.90
CA ARG A 600 -7.34 -39.66 -2.97
C ARG A 600 -5.84 -39.83 -2.67
N ILE A 601 -4.99 -39.34 -3.58
CA ILE A 601 -3.50 -39.38 -3.41
C ILE A 601 -3.14 -38.58 -2.16
N LEU A 602 -2.30 -39.14 -1.31
CA LEU A 602 -1.87 -38.53 -0.02
C LEU A 602 -0.33 -38.52 0.05
N VAL A 603 0.19 -37.59 0.84
CA VAL A 603 1.64 -37.52 1.16
C VAL A 603 1.82 -37.86 2.64
N THR A 604 2.62 -38.88 2.93
CA THR A 604 2.91 -39.29 4.32
C THR A 604 4.16 -40.19 4.37
N SER A 605 4.70 -40.33 5.57
CA SER A 605 5.92 -41.13 5.82
C SER A 605 5.82 -41.81 7.18
N LYS A 606 4.87 -42.74 7.30
CA LYS A 606 4.74 -43.65 8.46
C LYS A 606 4.28 -45.03 7.97
N MET A 607 4.61 -46.07 8.72
CA MET A 607 4.30 -47.48 8.37
C MET A 607 2.78 -47.72 8.47
N GLU A 608 2.16 -47.17 9.51
CA GLU A 608 0.72 -47.37 9.81
C GLU A 608 -0.14 -46.92 8.63
N HIS A 609 0.23 -45.82 7.99
CA HIS A 609 -0.51 -45.23 6.84
C HIS A 609 -0.28 -46.07 5.58
N LEU A 610 0.93 -46.57 5.38
CA LEU A 610 1.26 -47.39 4.18
C LEU A 610 0.65 -48.79 4.29
N LYS A 611 0.35 -49.27 5.50
CA LYS A 611 -0.29 -50.60 5.69
C LYS A 611 -1.73 -50.58 5.14
N LYS A 612 -2.53 -49.60 5.57
CA LYS A 612 -3.96 -49.49 5.19
C LYS A 612 -4.08 -49.03 3.73
N ALA A 613 -3.10 -48.29 3.24
CA ALA A 613 -3.07 -47.81 1.83
C ALA A 613 -2.92 -48.99 0.86
N ASP A 614 -3.43 -48.78 -0.35
CA ASP A 614 -3.41 -49.77 -1.42
C ASP A 614 -2.29 -49.68 -2.49
N LYS A 615 -1.95 -48.48 -2.92
CA LYS A 615 -0.87 -48.31 -3.90
C LYS A 615 0.17 -47.38 -3.28
N ILE A 616 1.44 -47.76 -3.37
CA ILE A 616 2.49 -46.93 -2.76
C ILE A 616 3.54 -46.42 -3.76
N LEU A 617 3.92 -45.14 -3.66
CA LEU A 617 4.91 -44.57 -4.59
C LEU A 617 6.00 -43.87 -3.78
N ILE A 618 7.19 -44.47 -3.75
CA ILE A 618 8.36 -43.96 -2.99
C ILE A 618 9.26 -43.22 -3.96
N LEU A 619 9.22 -41.88 -3.92
CA LEU A 619 10.12 -41.02 -4.73
C LEU A 619 11.46 -40.86 -4.02
N HIS A 620 12.50 -40.57 -4.80
CA HIS A 620 13.87 -40.32 -4.30
C HIS A 620 14.66 -39.56 -5.37
N GLU A 621 15.17 -38.38 -5.01
CA GLU A 621 15.95 -37.51 -5.93
C GLU A 621 15.21 -37.33 -7.26
N GLY A 622 13.89 -37.18 -7.22
CA GLY A 622 13.04 -37.01 -8.41
C GLY A 622 12.99 -38.25 -9.29
N SER A 623 13.13 -39.42 -8.70
CA SER A 623 13.10 -40.72 -9.39
C SER A 623 12.29 -41.72 -8.57
N SER A 624 11.49 -42.54 -9.24
CA SER A 624 10.68 -43.59 -8.59
C SER A 624 11.60 -44.72 -8.13
N TYR A 625 11.89 -44.78 -6.84
CA TYR A 625 12.65 -45.89 -6.23
C TYR A 625 11.81 -47.16 -6.28
N PHE A 626 10.54 -47.06 -5.89
CA PHE A 626 9.60 -48.20 -5.87
C PHE A 626 8.20 -47.74 -6.29
N TYR A 627 7.45 -48.67 -6.88
CA TYR A 627 6.02 -48.48 -7.19
C TYR A 627 5.31 -49.83 -7.09
N GLY A 628 4.28 -49.90 -6.24
CA GLY A 628 3.47 -51.12 -6.06
C GLY A 628 2.54 -51.03 -4.87
N THR A 629 2.37 -52.16 -4.18
CA THR A 629 1.55 -52.29 -2.94
C THR A 629 2.47 -52.58 -1.75
N PHE A 630 1.90 -52.59 -0.56
CA PHE A 630 2.64 -52.77 0.71
C PHE A 630 3.13 -54.21 0.85
N SER A 631 2.27 -55.18 0.52
CA SER A 631 2.58 -56.64 0.61
C SER A 631 3.74 -57.01 -0.33
N GLU A 632 3.79 -56.37 -1.50
CA GLU A 632 4.85 -56.59 -2.51
C GLU A 632 6.19 -56.03 -2.00
N LEU A 633 6.16 -54.86 -1.35
CA LEU A 633 7.37 -54.11 -0.96
C LEU A 633 8.18 -54.89 0.07
N GLN A 634 7.50 -55.41 1.10
CA GLN A 634 8.11 -56.33 2.09
C GLN A 634 8.68 -57.55 1.35
N ASN A 635 7.94 -58.07 0.39
CA ASN A 635 8.38 -59.20 -0.47
C ASN A 635 9.68 -58.79 -1.18
N LEU A 636 9.72 -57.58 -1.71
CA LEU A 636 10.83 -57.05 -2.56
C LEU A 636 12.13 -56.96 -1.76
N GLN A 637 12.07 -56.46 -0.52
CA GLN A 637 13.26 -56.33 0.37
C GLN A 637 12.85 -56.65 1.81
N THR A 845 -5.38 19.49 14.91
CA THR A 845 -4.91 20.00 13.60
C THR A 845 -3.67 20.87 13.79
N TRP A 846 -3.77 21.86 14.68
CA TRP A 846 -2.64 22.75 15.05
C TRP A 846 -1.44 21.92 15.52
N ASN A 847 -1.70 20.87 16.29
CA ASN A 847 -0.65 19.97 16.84
C ASN A 847 0.01 19.17 15.71
N THR A 848 -0.75 18.78 14.69
CA THR A 848 -0.22 18.05 13.50
C THR A 848 0.70 18.98 12.71
N TYR A 849 0.28 20.22 12.50
CA TYR A 849 1.05 21.25 11.74
C TYR A 849 2.24 21.75 12.57
N LEU A 850 2.38 21.31 13.83
CA LEU A 850 3.42 21.80 14.76
C LEU A 850 4.43 20.70 15.09
N ARG A 851 3.99 19.43 15.08
CA ARG A 851 4.85 18.27 15.34
C ARG A 851 5.56 17.85 14.05
N TYR A 852 5.16 18.39 12.90
CA TYR A 852 5.80 18.10 11.60
C TYR A 852 6.88 19.13 11.28
N ILE A 853 6.88 20.27 11.97
CA ILE A 853 7.88 21.36 11.75
C ILE A 853 8.95 21.29 12.85
N THR A 854 8.71 20.57 13.95
CA THR A 854 9.65 20.49 15.10
C THR A 854 10.21 19.07 15.23
N VAL A 855 10.16 18.28 14.14
CA VAL A 855 10.93 17.01 14.04
C VAL A 855 12.39 17.40 13.85
N HIS A 856 12.63 18.26 12.87
CA HIS A 856 13.97 18.60 12.37
C HIS A 856 14.17 20.11 12.51
N LYS A 857 15.27 20.51 13.15
CA LYS A 857 15.52 21.93 13.54
C LYS A 857 15.89 22.77 12.31
N SER A 858 16.50 22.16 11.31
CA SER A 858 16.92 22.84 10.05
C SER A 858 15.73 23.58 9.43
N LEU A 859 14.57 22.93 9.43
CA LEU A 859 13.33 23.46 8.80
C LEU A 859 12.94 24.79 9.45
N ILE A 860 13.05 24.89 10.78
CA ILE A 860 12.64 26.13 11.49
C ILE A 860 13.69 27.23 11.28
N PHE A 861 14.97 26.87 11.14
CA PHE A 861 16.02 27.85 10.77
C PHE A 861 15.80 28.35 9.33
N VAL A 862 15.45 27.45 8.41
CA VAL A 862 15.24 27.82 6.98
C VAL A 862 14.04 28.76 6.86
N LEU A 863 12.94 28.47 7.57
CA LEU A 863 11.69 29.27 7.48
C LEU A 863 11.90 30.67 8.05
N ILE A 864 12.63 30.77 9.17
CA ILE A 864 13.05 32.07 9.76
C ILE A 864 13.96 32.78 8.76
N TRP A 865 14.89 32.05 8.15
CA TRP A 865 15.81 32.62 7.14
C TRP A 865 15.01 33.19 5.96
N CYS A 866 14.03 32.45 5.46
CA CYS A 866 13.12 32.90 4.38
C CYS A 866 12.37 34.18 4.77
N LEU A 867 11.89 34.22 6.02
CA LEU A 867 11.00 35.31 6.49
C LEU A 867 11.79 36.61 6.63
N VAL A 868 13.02 36.55 7.13
CA VAL A 868 13.87 37.77 7.34
C VAL A 868 14.24 38.37 5.97
N ILE A 869 14.48 37.53 4.98
CA ILE A 869 14.75 37.97 3.58
C ILE A 869 13.43 38.49 2.99
N PHE A 870 12.32 37.82 3.27
CA PHE A 870 10.98 38.28 2.82
C PHE A 870 10.71 39.69 3.36
N LEU A 871 10.99 39.92 4.64
CA LEU A 871 10.79 41.25 5.30
C LEU A 871 11.66 42.30 4.62
N ALA A 872 12.86 41.92 4.17
CA ALA A 872 13.84 42.81 3.54
C ALA A 872 13.34 43.31 2.18
N GLU A 873 12.74 42.43 1.37
CA GLU A 873 12.20 42.77 0.02
C GLU A 873 10.87 43.51 0.15
N VAL A 874 10.07 43.17 1.15
CA VAL A 874 8.86 43.95 1.50
C VAL A 874 9.33 45.36 1.88
N ALA A 875 10.39 45.45 2.68
CA ALA A 875 11.00 46.74 3.11
C ALA A 875 11.59 47.48 1.90
N ALA A 876 12.29 46.76 1.02
CA ALA A 876 12.96 47.34 -0.18
C ALA A 876 11.92 47.96 -1.11
N SER A 877 10.84 47.23 -1.40
CA SER A 877 9.76 47.66 -2.32
C SER A 877 9.05 48.91 -1.77
N LEU A 878 8.93 49.00 -0.44
CA LEU A 878 8.20 50.09 0.26
C LEU A 878 8.91 51.43 0.03
N VAL A 879 10.24 51.45 0.11
CA VAL A 879 11.06 52.70 -0.08
C VAL A 879 11.22 52.98 -1.58
N VAL A 880 11.18 51.95 -2.41
CA VAL A 880 11.08 52.13 -3.88
C VAL A 880 9.78 52.88 -4.17
N LEU A 881 8.65 52.35 -3.70
CA LEU A 881 7.31 52.95 -3.96
C LEU A 881 7.17 54.30 -3.23
N TRP A 882 7.94 54.54 -2.18
CA TRP A 882 7.99 55.87 -1.50
C TRP A 882 8.65 56.90 -2.42
N LEU A 883 9.82 56.58 -2.94
CA LEU A 883 10.57 57.44 -3.90
C LEU A 883 9.68 57.66 -5.14
N LEU A 884 9.12 56.58 -5.68
CA LEU A 884 8.37 56.58 -6.97
C LEU A 884 7.14 57.50 -6.88
N GLY A 885 6.32 57.30 -5.84
CA GLY A 885 5.08 58.08 -5.62
C GLY A 885 5.36 59.55 -5.41
N ASN A 886 6.46 59.87 -4.72
CA ASN A 886 6.83 61.24 -4.30
C ASN A 886 7.62 61.96 -5.42
N THR A 887 7.54 61.47 -6.67
CA THR A 887 8.28 62.05 -7.82
C THR A 887 7.75 63.45 -8.11
N PRO A 888 8.62 64.43 -8.46
CA PRO A 888 8.18 65.76 -8.90
C PRO A 888 7.72 65.86 -10.37
N LEU A 889 7.81 64.76 -11.13
CA LEU A 889 7.45 64.72 -12.57
C LEU A 889 5.92 64.74 -12.67
N ASN A 900 9.95 66.17 -22.96
CA ASN A 900 11.35 65.70 -23.16
C ASN A 900 11.50 64.24 -22.72
N ASN A 901 10.97 63.90 -21.53
CA ASN A 901 11.08 62.55 -20.93
C ASN A 901 9.98 61.65 -21.50
N SER A 902 10.15 61.27 -22.77
CA SER A 902 9.25 60.36 -23.51
C SER A 902 9.26 58.97 -22.86
N TYR A 903 10.37 58.60 -22.21
CA TYR A 903 10.63 57.29 -21.57
C TYR A 903 9.37 56.70 -20.95
N ALA A 904 8.66 57.47 -20.12
CA ALA A 904 7.40 57.02 -19.48
C ALA A 904 6.52 58.22 -19.16
N VAL A 905 5.34 58.27 -19.78
CA VAL A 905 4.39 59.39 -19.63
C VAL A 905 3.58 59.16 -18.35
N ILE A 906 3.56 60.16 -17.48
CA ILE A 906 2.73 60.18 -16.26
C ILE A 906 2.07 61.56 -16.18
N ILE A 907 0.83 61.61 -15.72
CA ILE A 907 0.18 62.87 -15.26
C ILE A 907 -0.35 62.64 -13.84
N THR A 908 -0.54 63.73 -13.11
CA THR A 908 -1.08 63.76 -11.71
C THR A 908 -2.28 62.82 -11.57
N SER A 909 -3.18 62.87 -12.55
CA SER A 909 -4.39 62.03 -12.57
C SER A 909 -4.00 60.55 -12.62
N THR A 910 -3.50 60.09 -13.77
CA THR A 910 -3.16 58.69 -14.11
C THR A 910 -2.17 58.08 -13.12
N SER A 911 -1.16 58.85 -12.73
CA SER A 911 -0.05 58.38 -11.84
C SER A 911 -0.63 57.58 -10.67
N SER A 912 -1.55 58.19 -9.95
CA SER A 912 -2.03 57.76 -8.60
C SER A 912 -2.70 56.39 -8.64
N TYR A 913 -3.33 56.00 -9.75
CA TYR A 913 -4.17 54.77 -9.78
C TYR A 913 -3.70 53.80 -10.87
N TYR A 914 -2.48 53.95 -11.38
CA TYR A 914 -1.84 52.93 -12.25
C TYR A 914 -0.53 52.45 -11.63
N VAL A 915 0.21 53.35 -10.96
CA VAL A 915 1.53 53.07 -10.36
C VAL A 915 1.39 51.93 -9.33
N PHE A 916 0.25 51.86 -8.64
CA PHE A 916 0.00 50.85 -7.60
C PHE A 916 -0.34 49.51 -8.25
N TYR A 917 -1.19 49.53 -9.27
CA TYR A 917 -1.65 48.32 -9.99
C TYR A 917 -0.47 47.65 -10.70
N ILE A 918 0.46 48.45 -11.22
CA ILE A 918 1.68 47.93 -11.89
C ILE A 918 2.50 47.13 -10.86
N TYR A 919 2.59 47.61 -9.62
CA TYR A 919 3.32 46.94 -8.52
C TYR A 919 2.64 45.62 -8.14
N VAL A 920 1.31 45.61 -8.06
CA VAL A 920 0.51 44.42 -7.66
C VAL A 920 0.74 43.29 -8.67
N GLY A 921 0.83 43.63 -9.96
CA GLY A 921 1.07 42.66 -11.05
C GLY A 921 2.51 42.22 -11.17
N VAL A 922 3.45 43.02 -10.65
CA VAL A 922 4.91 42.69 -10.65
C VAL A 922 5.35 42.32 -9.23
N ALA A 923 4.41 42.06 -8.32
CA ALA A 923 4.71 41.66 -6.92
C ALA A 923 4.73 40.13 -6.80
N ASP A 924 4.58 39.41 -7.91
CA ASP A 924 4.67 37.92 -7.94
C ASP A 924 6.14 37.51 -8.11
N THR A 925 6.98 38.37 -8.67
CA THR A 925 8.42 38.10 -8.92
C THR A 925 9.27 38.76 -7.84
N LEU A 926 8.95 39.99 -7.46
CA LEU A 926 9.72 40.75 -6.44
C LEU A 926 9.68 40.01 -5.11
N LEU A 927 8.51 39.44 -4.75
CA LEU A 927 8.32 38.70 -3.48
C LEU A 927 8.40 37.18 -3.73
N ALA A 928 9.24 36.75 -4.67
CA ALA A 928 9.40 35.33 -5.04
C ALA A 928 10.56 34.73 -4.24
N MET A 929 10.49 33.42 -4.00
CA MET A 929 11.57 32.65 -3.34
C MET A 929 12.58 32.25 -4.43
N GLY A 930 13.86 32.56 -4.20
CA GLY A 930 14.96 32.21 -5.11
C GLY A 930 15.49 30.82 -4.86
N PHE A 931 16.64 30.52 -5.43
CA PHE A 931 17.30 29.21 -5.25
C PHE A 931 18.15 29.24 -3.98
N PHE A 932 18.13 30.35 -3.23
CA PHE A 932 18.76 30.46 -1.88
C PHE A 932 17.75 30.07 -0.79
N ARG A 933 16.47 30.37 -0.98
CA ARG A 933 15.36 30.07 -0.02
C ARG A 933 14.64 28.76 -0.40
N GLY A 934 14.25 28.62 -1.66
CA GLY A 934 13.43 27.49 -2.14
C GLY A 934 14.15 26.16 -2.11
N LEU A 935 15.47 26.16 -2.36
CA LEU A 935 16.29 24.92 -2.36
C LEU A 935 16.33 24.28 -0.98
N PRO A 936 16.84 24.96 0.08
CA PRO A 936 16.94 24.33 1.41
C PRO A 936 15.60 23.91 2.02
N LEU A 937 14.53 24.65 1.69
CA LEU A 937 13.16 24.36 2.16
C LEU A 937 12.72 22.98 1.66
N VAL A 938 12.94 22.70 0.37
CA VAL A 938 12.63 21.38 -0.25
C VAL A 938 13.55 20.32 0.34
N HIS A 939 14.84 20.66 0.48
CA HIS A 939 15.89 19.75 1.02
C HIS A 939 15.55 19.29 2.43
N THR A 940 15.12 20.20 3.30
CA THR A 940 14.80 19.89 4.72
C THR A 940 13.51 19.06 4.81
N LEU A 941 12.49 19.40 4.01
CA LEU A 941 11.16 18.73 4.06
C LEU A 941 11.28 17.25 3.67
N ILE A 942 12.24 16.92 2.82
CA ILE A 942 12.54 15.50 2.47
C ILE A 942 13.27 14.85 3.65
N THR A 943 14.16 15.60 4.30
CA THR A 943 14.90 15.13 5.51
C THR A 943 13.93 14.85 6.66
N VAL A 944 12.83 15.61 6.74
CA VAL A 944 11.77 15.35 7.76
C VAL A 944 11.15 13.97 7.52
N SER A 945 10.78 13.69 6.27
CA SER A 945 10.13 12.41 5.88
C SER A 945 11.10 11.23 6.03
N LYS A 946 12.40 11.47 5.94
CA LYS A 946 13.44 10.44 6.21
C LYS A 946 13.46 10.10 7.70
N ILE A 947 13.36 11.11 8.57
CA ILE A 947 13.40 10.94 10.05
C ILE A 947 12.08 10.34 10.53
N LEU A 948 10.95 10.80 9.97
CA LEU A 948 9.61 10.28 10.35
C LEU A 948 9.51 8.78 10.07
N HIS A 949 9.99 8.34 8.91
CA HIS A 949 9.92 6.91 8.49
C HIS A 949 10.77 6.03 9.42
N HIS A 950 11.95 6.52 9.80
CA HIS A 950 12.85 5.80 10.73
C HIS A 950 12.14 5.55 12.06
N LYS A 951 11.54 6.58 12.64
CA LYS A 951 10.82 6.49 13.94
C LYS A 951 9.61 5.56 13.83
N MET A 952 8.92 5.60 12.68
CA MET A 952 7.69 4.81 12.43
C MET A 952 8.03 3.32 12.39
N LEU A 953 9.02 2.95 11.58
CA LEU A 953 9.49 1.54 11.43
C LEU A 953 10.09 1.08 12.76
N HIS A 954 10.82 1.96 13.44
CA HIS A 954 11.40 1.72 14.79
C HIS A 954 10.30 1.40 15.80
N SER A 955 9.25 2.21 15.83
CA SER A 955 8.16 2.09 16.83
C SER A 955 7.33 0.82 16.58
N VAL A 956 7.04 0.51 15.31
CA VAL A 956 6.24 -0.68 14.91
C VAL A 956 6.98 -1.95 15.32
N LEU A 957 8.31 -1.96 15.25
CA LEU A 957 9.11 -3.18 15.54
C LEU A 957 9.05 -3.51 17.03
N GLN A 958 9.23 -2.52 17.90
CA GLN A 958 9.39 -2.77 19.36
C GLN A 958 8.08 -2.55 20.12
N ALA A 959 6.94 -2.40 19.44
CA ALA A 959 5.60 -2.31 20.09
C ALA A 959 5.18 -3.69 20.57
N PRO A 960 4.30 -3.82 21.60
CA PRO A 960 3.88 -5.12 22.11
C PRO A 960 2.94 -5.88 21.16
N MET A 961 2.78 -7.18 21.43
CA MET A 961 2.22 -8.16 20.46
C MET A 961 0.73 -7.91 20.25
N SER A 962 0.00 -7.59 21.31
CA SER A 962 -1.47 -7.32 21.27
C SER A 962 -1.79 -6.19 20.27
N THR A 963 -0.98 -5.14 20.25
CA THR A 963 -1.21 -3.94 19.40
C THR A 963 -0.93 -4.25 17.93
N LEU A 964 -0.15 -5.29 17.63
CA LEU A 964 0.22 -5.66 16.24
C LEU A 964 -0.73 -6.73 15.70
N ASN A 965 -1.33 -7.54 16.56
CA ASN A 965 -2.40 -8.49 16.15
C ASN A 965 -3.68 -7.72 15.87
N THR A 966 -3.89 -6.59 16.53
CA THR A 966 -5.10 -5.74 16.40
C THR A 966 -5.23 -5.21 14.96
N LEU A 967 -4.12 -4.92 14.29
CA LEU A 967 -4.11 -4.27 12.95
C LEU A 967 -3.87 -5.31 11.84
N LYS A 968 -4.26 -4.95 10.61
CA LYS A 968 -4.27 -5.84 9.43
C LYS A 968 -2.92 -5.76 8.70
N ALA A 969 -2.74 -6.62 7.69
CA ALA A 969 -1.54 -6.63 6.81
C ALA A 969 -1.58 -5.43 5.86
N GLY A 970 -2.71 -5.26 5.18
CA GLY A 970 -2.91 -4.17 4.20
C GLY A 970 -2.87 -2.79 4.85
N GLY A 971 -3.26 -2.68 6.13
CA GLY A 971 -3.20 -1.42 6.90
C GLY A 971 -1.76 -0.98 7.14
N ILE A 972 -0.89 -1.93 7.49
CA ILE A 972 0.57 -1.70 7.66
C ILE A 972 1.16 -1.32 6.31
N LEU A 973 0.89 -2.13 5.30
CA LEU A 973 1.47 -2.01 3.94
C LEU A 973 0.97 -0.74 3.25
N ASN A 974 -0.24 -0.29 3.56
CA ASN A 974 -0.85 0.93 2.98
C ASN A 974 -0.03 2.16 3.37
N ARG A 975 0.37 2.25 4.64
CA ARG A 975 1.07 3.44 5.18
C ARG A 975 2.48 3.55 4.62
N PHE A 976 3.27 2.50 4.78
CA PHE A 976 4.68 2.43 4.30
C PHE A 976 4.74 2.59 2.79
N SER A 977 3.70 2.18 2.06
CA SER A 977 3.61 2.38 0.59
C SER A 977 3.19 3.81 0.28
N LYS A 978 1.96 4.15 0.64
CA LYS A 978 1.27 5.38 0.16
C LYS A 978 1.63 6.57 1.05
N ASP A 979 1.48 6.42 2.37
CA ASP A 979 1.51 7.58 3.30
C ASP A 979 2.94 8.13 3.43
N ILE A 980 3.95 7.28 3.39
CA ILE A 980 5.39 7.71 3.43
C ILE A 980 5.78 8.27 2.06
N ALA A 981 5.19 7.79 0.97
CA ALA A 981 5.48 8.27 -0.40
C ALA A 981 4.88 9.68 -0.63
N ILE A 982 3.83 10.03 0.10
CA ILE A 982 3.22 11.39 0.03
C ILE A 982 4.16 12.42 0.67
N LEU A 983 4.83 12.06 1.77
CA LEU A 983 5.76 12.99 2.50
C LEU A 983 7.04 13.23 1.67
N ASP A 984 7.39 12.30 0.78
CA ASP A 984 8.60 12.37 -0.08
C ASP A 984 8.32 13.16 -1.36
N ASP A 985 7.18 12.88 -2.00
CA ASP A 985 6.88 13.33 -3.38
C ASP A 985 6.07 14.64 -3.34
N LEU A 986 4.80 14.55 -2.97
CA LEU A 986 3.82 15.65 -3.20
C LEU A 986 3.95 16.73 -2.13
N LEU A 987 4.08 16.32 -0.86
CA LEU A 987 3.91 17.22 0.31
C LEU A 987 5.01 18.29 0.36
N PRO A 988 6.30 18.00 0.06
CA PRO A 988 7.33 19.04 0.05
C PRO A 988 7.09 20.23 -0.90
N LEU A 989 6.54 19.99 -2.10
CA LEU A 989 6.36 21.06 -3.11
C LEU A 989 5.00 21.73 -3.00
N THR A 990 4.00 21.07 -2.40
CA THR A 990 2.67 21.70 -2.16
C THR A 990 2.82 22.76 -1.06
N ILE A 991 3.66 22.50 -0.05
CA ILE A 991 3.93 23.45 1.06
C ILE A 991 4.68 24.67 0.51
N PHE A 992 5.52 24.47 -0.49
CA PHE A 992 6.32 25.55 -1.12
C PHE A 992 5.39 26.54 -1.85
N ASP A 993 4.38 26.03 -2.56
CA ASP A 993 3.41 26.87 -3.32
C ASP A 993 2.44 27.55 -2.35
N PHE A 994 2.10 26.90 -1.24
CA PHE A 994 1.22 27.49 -0.21
C PHE A 994 1.95 28.64 0.49
N ILE A 995 3.24 28.43 0.82
CA ILE A 995 4.10 29.47 1.45
C ILE A 995 4.37 30.58 0.43
N GLN A 996 4.65 30.22 -0.83
CA GLN A 996 4.97 31.20 -1.89
C GLN A 996 3.78 32.15 -2.08
N LEU A 997 2.57 31.61 -2.29
CA LEU A 997 1.36 32.42 -2.57
C LEU A 997 0.95 33.21 -1.33
N LEU A 998 1.12 32.63 -0.14
CA LEU A 998 0.76 33.29 1.14
C LEU A 998 1.66 34.52 1.34
N LEU A 999 2.96 34.40 1.05
CA LEU A 999 3.93 35.52 1.19
C LEU A 999 3.62 36.64 0.19
N ILE A 1000 3.27 36.27 -1.04
CA ILE A 1000 2.93 37.23 -2.13
C ILE A 1000 1.75 38.09 -1.67
N VAL A 1001 0.69 37.46 -1.14
CA VAL A 1001 -0.55 38.17 -0.74
C VAL A 1001 -0.24 39.07 0.48
N ILE A 1002 0.39 38.50 1.50
CA ILE A 1002 0.79 39.24 2.74
C ILE A 1002 1.62 40.46 2.33
N GLY A 1003 2.68 40.23 1.56
CA GLY A 1003 3.59 41.32 1.14
C GLY A 1003 2.91 42.32 0.21
N ALA A 1004 1.99 41.86 -0.65
CA ALA A 1004 1.20 42.75 -1.53
C ALA A 1004 0.31 43.65 -0.68
N ILE A 1005 -0.46 43.06 0.25
CA ILE A 1005 -1.35 43.84 1.15
C ILE A 1005 -0.52 44.75 2.05
N ALA A 1006 0.67 44.31 2.46
CA ALA A 1006 1.55 45.05 3.40
C ALA A 1006 2.00 46.37 2.78
N VAL A 1007 2.54 46.31 1.57
CA VAL A 1007 3.13 47.49 0.87
C VAL A 1007 1.99 48.44 0.46
N VAL A 1008 0.90 47.88 -0.05
CA VAL A 1008 -0.28 48.67 -0.49
C VAL A 1008 -0.92 49.35 0.73
N ALA A 1009 -1.03 48.64 1.84
CA ALA A 1009 -1.70 49.14 3.08
C ALA A 1009 -0.89 50.28 3.70
N VAL A 1010 0.42 50.06 3.86
CA VAL A 1010 1.33 51.02 4.54
C VAL A 1010 1.40 52.32 3.72
N LEU A 1011 1.28 52.21 2.40
CA LEU A 1011 1.37 53.38 1.50
C LEU A 1011 0.00 54.04 1.37
N GLN A 1012 -1.06 53.25 1.26
CA GLN A 1012 -2.46 53.76 1.17
C GLN A 1012 -3.35 52.99 2.15
N PRO A 1013 -3.89 53.65 3.19
CA PRO A 1013 -4.46 52.95 4.34
C PRO A 1013 -5.76 52.16 4.11
N TYR A 1014 -6.64 52.68 3.28
CA TYR A 1014 -8.05 52.20 3.22
C TYR A 1014 -8.14 50.86 2.49
N ILE A 1015 -7.13 50.47 1.72
CA ILE A 1015 -7.14 49.21 0.93
C ILE A 1015 -7.11 48.01 1.89
N PHE A 1016 -6.39 48.13 3.01
CA PHE A 1016 -6.41 47.11 4.09
C PHE A 1016 -7.84 46.94 4.62
N VAL A 1017 -8.55 48.06 4.81
CA VAL A 1017 -9.94 48.06 5.31
C VAL A 1017 -10.87 47.52 4.21
N ALA A 1018 -10.54 47.77 2.95
CA ALA A 1018 -11.31 47.28 1.78
C ALA A 1018 -11.14 45.76 1.62
N THR A 1019 -9.94 45.24 1.89
CA THR A 1019 -9.66 43.78 1.75
C THR A 1019 -10.38 42.97 2.84
N VAL A 1020 -10.52 43.53 4.05
CA VAL A 1020 -10.89 42.78 5.29
C VAL A 1020 -12.22 42.04 5.12
N PRO A 1021 -13.31 42.62 4.55
CA PRO A 1021 -14.57 41.87 4.36
C PRO A 1021 -14.49 40.64 3.44
N VAL A 1022 -13.57 40.66 2.47
CA VAL A 1022 -13.38 39.53 1.52
C VAL A 1022 -12.47 38.50 2.18
N ILE A 1023 -11.47 38.96 2.94
CA ILE A 1023 -10.53 38.10 3.71
C ILE A 1023 -11.35 37.19 4.65
N VAL A 1024 -12.25 37.79 5.43
CA VAL A 1024 -13.03 37.09 6.48
C VAL A 1024 -13.97 36.07 5.82
N ALA A 1025 -14.48 36.38 4.63
CA ALA A 1025 -15.39 35.49 3.87
C ALA A 1025 -14.68 34.18 3.52
N PHE A 1026 -13.42 34.27 3.08
CA PHE A 1026 -12.62 33.08 2.67
C PHE A 1026 -12.29 32.22 3.90
N ILE A 1027 -11.85 32.86 4.99
CA ILE A 1027 -11.49 32.16 6.25
C ILE A 1027 -12.75 31.53 6.85
N MET A 1028 -13.86 32.26 6.82
CA MET A 1028 -15.17 31.79 7.35
C MET A 1028 -15.54 30.47 6.67
N LEU A 1029 -15.60 30.47 5.34
CA LEU A 1029 -16.07 29.33 4.50
C LEU A 1029 -15.07 28.17 4.58
N ARG A 1030 -13.78 28.50 4.70
CA ARG A 1030 -12.70 27.47 4.77
C ARG A 1030 -12.85 26.65 6.05
N ALA A 1031 -12.99 27.32 7.19
CA ALA A 1031 -13.15 26.68 8.52
C ALA A 1031 -14.40 25.79 8.54
N TYR A 1032 -15.46 26.22 7.85
CA TYR A 1032 -16.74 25.48 7.77
C TYR A 1032 -16.55 24.20 6.96
N PHE A 1033 -15.79 24.27 5.87
CA PHE A 1033 -15.59 23.15 4.92
C PHE A 1033 -14.71 22.06 5.54
N LEU A 1034 -13.65 22.47 6.22
CA LEU A 1034 -12.60 21.53 6.71
C LEU A 1034 -13.16 20.55 7.74
N GLN A 1035 -14.23 20.91 8.45
CA GLN A 1035 -14.87 20.03 9.47
C GLN A 1035 -15.34 18.72 8.82
N THR A 1036 -15.96 18.81 7.66
CA THR A 1036 -16.44 17.66 6.87
C THR A 1036 -15.29 17.02 6.12
N SER A 1037 -14.42 17.84 5.53
CA SER A 1037 -13.36 17.42 4.59
C SER A 1037 -12.32 16.53 5.29
N GLN A 1038 -11.89 16.92 6.48
CA GLN A 1038 -10.89 16.16 7.27
C GLN A 1038 -11.46 14.79 7.64
N GLN A 1039 -12.75 14.70 7.87
CA GLN A 1039 -13.42 13.44 8.29
C GLN A 1039 -13.62 12.53 7.08
N LEU A 1040 -13.92 13.09 5.91
CA LEU A 1040 -14.07 12.29 4.66
C LEU A 1040 -12.69 11.78 4.20
N LYS A 1041 -11.65 12.58 4.38
CA LYS A 1041 -10.27 12.26 3.92
C LYS A 1041 -9.66 11.15 4.77
N GLN A 1042 -10.22 10.87 5.96
CA GLN A 1042 -9.74 9.76 6.85
C GLN A 1042 -10.50 8.47 6.55
N LEU A 1043 -11.81 8.56 6.31
CA LEU A 1043 -12.65 7.40 5.92
C LEU A 1043 -12.17 6.89 4.55
N GLU A 1044 -11.80 7.81 3.67
CA GLU A 1044 -11.32 7.48 2.32
C GLU A 1044 -9.90 6.90 2.40
N SER A 1045 -9.01 7.55 3.15
CA SER A 1045 -7.60 7.13 3.31
C SER A 1045 -7.54 5.75 3.98
N GLU A 1046 -8.32 5.54 5.04
CA GLU A 1046 -8.36 4.22 5.72
C GLU A 1046 -9.24 3.26 4.91
N GLY A 1047 -10.06 3.76 3.98
CA GLY A 1047 -10.83 2.94 3.01
C GLY A 1047 -9.96 2.19 2.02
N ARG A 1048 -8.68 2.54 1.88
CA ARG A 1048 -7.71 1.86 0.97
C ARG A 1048 -7.31 0.49 1.50
N SER A 1049 -7.31 0.28 2.82
CA SER A 1049 -6.77 -0.94 3.48
C SER A 1049 -7.51 -2.22 3.04
N PRO A 1050 -8.86 -2.24 2.93
CA PRO A 1050 -9.58 -3.31 2.24
C PRO A 1050 -9.03 -3.77 0.88
N ILE A 1051 -8.59 -2.84 0.03
CA ILE A 1051 -8.11 -3.16 -1.34
C ILE A 1051 -6.79 -3.93 -1.26
N PHE A 1052 -5.87 -3.47 -0.42
CA PHE A 1052 -4.52 -4.07 -0.26
C PHE A 1052 -4.64 -5.41 0.45
N THR A 1053 -5.29 -5.44 1.63
CA THR A 1053 -5.44 -6.65 2.47
C THR A 1053 -5.94 -7.83 1.64
N HIS A 1054 -6.89 -7.58 0.75
CA HIS A 1054 -7.49 -8.59 -0.14
C HIS A 1054 -6.53 -9.03 -1.24
N LEU A 1055 -5.69 -8.09 -1.72
CA LEU A 1055 -4.70 -8.35 -2.79
C LEU A 1055 -3.55 -9.20 -2.26
N VAL A 1056 -3.26 -9.14 -0.96
CA VAL A 1056 -2.20 -9.97 -0.31
C VAL A 1056 -2.66 -11.43 -0.32
N THR A 1057 -3.80 -11.72 0.32
CA THR A 1057 -4.31 -13.10 0.51
C THR A 1057 -4.62 -13.77 -0.83
N SER A 1058 -5.13 -12.99 -1.77
CA SER A 1058 -5.39 -13.43 -3.16
C SER A 1058 -4.11 -14.01 -3.78
N LEU A 1059 -3.00 -13.27 -3.68
CA LEU A 1059 -1.72 -13.67 -4.28
C LEU A 1059 -1.01 -14.72 -3.39
N LYS A 1060 -1.26 -14.68 -2.08
CA LYS A 1060 -0.56 -15.55 -1.11
C LYS A 1060 -1.05 -16.99 -1.28
N GLY A 1061 -2.36 -17.19 -1.30
CA GLY A 1061 -2.99 -18.52 -1.44
C GLY A 1061 -3.63 -18.70 -2.80
N LEU A 1062 -2.87 -18.47 -3.87
CA LEU A 1062 -3.38 -18.47 -5.25
C LEU A 1062 -3.65 -19.90 -5.73
N TRP A 1063 -2.80 -20.85 -5.32
CA TRP A 1063 -2.88 -22.26 -5.80
C TRP A 1063 -4.18 -22.93 -5.34
N THR A 1064 -4.66 -22.59 -4.13
CA THR A 1064 -5.91 -23.15 -3.56
C THR A 1064 -7.13 -22.56 -4.30
N LEU A 1065 -7.05 -21.31 -4.75
CA LEU A 1065 -8.18 -20.63 -5.46
C LEU A 1065 -8.48 -21.33 -6.79
N ARG A 1066 -7.45 -21.62 -7.56
CA ARG A 1066 -7.56 -22.29 -8.88
C ARG A 1066 -7.79 -23.79 -8.71
N ALA A 1067 -7.38 -24.36 -7.57
CA ALA A 1067 -7.66 -25.77 -7.23
C ALA A 1067 -9.17 -25.96 -7.07
N PHE A 1068 -9.78 -25.18 -6.18
CA PHE A 1068 -11.24 -25.24 -5.91
C PHE A 1068 -12.02 -24.61 -7.05
N GLY A 1069 -11.42 -23.63 -7.74
CA GLY A 1069 -12.08 -22.88 -8.82
C GLY A 1069 -13.05 -21.86 -8.27
N ARG A 1070 -12.54 -20.93 -7.47
CA ARG A 1070 -13.35 -19.90 -6.77
C ARG A 1070 -12.84 -18.51 -7.13
N GLN A 1071 -12.69 -18.24 -8.43
CA GLN A 1071 -12.36 -16.89 -8.94
C GLN A 1071 -13.60 -16.01 -8.93
N PRO A 1072 -14.80 -16.48 -9.36
CA PRO A 1072 -16.03 -15.68 -9.31
C PRO A 1072 -16.37 -15.11 -7.92
N TYR A 1073 -16.02 -15.86 -6.88
CA TYR A 1073 -16.20 -15.44 -5.48
C TYR A 1073 -15.26 -14.28 -5.16
N PHE A 1074 -13.96 -14.45 -5.42
CA PHE A 1074 -12.91 -13.48 -5.04
C PHE A 1074 -13.00 -12.21 -5.90
N GLU A 1075 -13.44 -12.32 -7.15
CA GLU A 1075 -13.61 -11.11 -8.01
C GLU A 1075 -14.72 -10.23 -7.43
N THR A 1076 -15.88 -10.83 -7.15
CA THR A 1076 -17.06 -10.14 -6.57
C THR A 1076 -16.73 -9.67 -5.15
N LEU A 1077 -15.91 -10.42 -4.42
CA LEU A 1077 -15.45 -10.04 -3.07
C LEU A 1077 -14.46 -8.86 -3.17
N PHE A 1078 -13.66 -8.81 -4.24
CA PHE A 1078 -12.72 -7.69 -4.51
C PHE A 1078 -13.51 -6.46 -4.95
N HIS A 1079 -14.58 -6.63 -5.72
CA HIS A 1079 -15.40 -5.49 -6.21
C HIS A 1079 -15.98 -4.68 -5.03
N LYS A 1080 -16.30 -5.36 -3.92
CA LYS A 1080 -16.86 -4.70 -2.71
C LYS A 1080 -15.83 -3.74 -2.11
N ALA A 1081 -14.55 -4.08 -2.16
CA ALA A 1081 -13.46 -3.21 -1.66
C ALA A 1081 -13.37 -1.93 -2.50
N LEU A 1082 -13.46 -2.07 -3.81
CA LEU A 1082 -13.43 -0.90 -4.75
C LEU A 1082 -14.67 -0.04 -4.54
N ASN A 1083 -15.84 -0.65 -4.40
CA ASN A 1083 -17.12 0.08 -4.20
C ASN A 1083 -17.05 0.88 -2.89
N LEU A 1084 -16.48 0.28 -1.85
CA LEU A 1084 -16.30 0.93 -0.53
C LEU A 1084 -15.40 2.17 -0.67
N HIS A 1085 -14.28 2.02 -1.35
CA HIS A 1085 -13.31 3.14 -1.57
C HIS A 1085 -13.96 4.22 -2.44
N THR A 1086 -14.62 3.81 -3.52
CA THR A 1086 -15.35 4.73 -4.44
C THR A 1086 -16.39 5.52 -3.64
N ALA A 1087 -17.18 4.84 -2.80
CA ALA A 1087 -18.27 5.45 -1.99
C ALA A 1087 -17.73 6.65 -1.19
N ASN A 1088 -16.59 6.47 -0.55
CA ASN A 1088 -15.95 7.52 0.29
C ASN A 1088 -15.25 8.54 -0.59
N TRP A 1089 -14.49 8.09 -1.60
CA TRP A 1089 -13.65 8.98 -2.43
C TRP A 1089 -14.52 9.93 -3.26
N PHE A 1090 -15.58 9.39 -3.87
CA PHE A 1090 -16.52 10.15 -4.72
C PHE A 1090 -17.14 11.29 -3.90
N LEU A 1091 -17.48 10.98 -2.67
CA LEU A 1091 -18.17 11.90 -1.75
C LEU A 1091 -17.24 13.06 -1.39
N TYR A 1092 -15.99 12.74 -1.00
CA TYR A 1092 -14.92 13.72 -0.70
C TYR A 1092 -14.66 14.63 -1.91
N LEU A 1093 -14.55 14.01 -3.08
CA LEU A 1093 -14.22 14.69 -4.36
C LEU A 1093 -15.31 15.71 -4.72
N SER A 1094 -16.58 15.33 -4.56
CA SER A 1094 -17.76 16.18 -4.90
C SER A 1094 -17.91 17.33 -3.90
N THR A 1095 -17.56 17.10 -2.63
CA THR A 1095 -17.61 18.13 -1.56
C THR A 1095 -16.60 19.23 -1.84
N LEU A 1096 -15.52 18.93 -2.57
CA LEU A 1096 -14.40 19.87 -2.80
C LEU A 1096 -14.79 20.96 -3.80
N ARG A 1097 -15.41 20.60 -4.94
CA ARG A 1097 -15.87 21.54 -6.00
C ARG A 1097 -16.99 22.47 -5.51
N TRP A 1098 -17.80 21.98 -4.59
CA TRP A 1098 -18.73 22.83 -3.83
C TRP A 1098 -17.90 24.01 -3.28
N PHE A 1099 -16.86 23.68 -2.54
CA PHE A 1099 -15.96 24.68 -1.94
C PHE A 1099 -15.29 25.49 -3.03
N GLN A 1100 -14.86 24.83 -4.12
CA GLN A 1100 -14.14 25.49 -5.23
C GLN A 1100 -15.07 26.46 -5.95
N MET A 1101 -16.35 26.11 -6.05
CA MET A 1101 -17.37 26.94 -6.76
C MET A 1101 -17.80 28.09 -5.84
N ARG A 1102 -18.06 27.80 -4.57
CA ARG A 1102 -18.58 28.80 -3.60
C ARG A 1102 -17.57 29.93 -3.41
N ILE A 1103 -16.29 29.62 -3.26
CA ILE A 1103 -15.20 30.62 -3.04
C ILE A 1103 -15.07 31.51 -4.29
N GLU A 1104 -15.30 30.95 -5.48
CA GLU A 1104 -15.30 31.75 -6.72
C GLU A 1104 -16.56 32.61 -6.75
N MET A 1105 -17.70 32.03 -6.38
CA MET A 1105 -18.98 32.78 -6.31
C MET A 1105 -18.86 33.95 -5.33
N ILE A 1106 -18.21 33.75 -4.19
CA ILE A 1106 -17.99 34.82 -3.17
C ILE A 1106 -17.17 35.94 -3.82
N PHE A 1107 -16.09 35.57 -4.51
CA PHE A 1107 -15.24 36.54 -5.24
C PHE A 1107 -16.06 37.28 -6.29
N VAL A 1108 -16.94 36.56 -7.01
CA VAL A 1108 -17.80 37.14 -8.07
C VAL A 1108 -18.82 38.10 -7.44
N ILE A 1109 -19.46 37.69 -6.34
CA ILE A 1109 -20.51 38.48 -5.63
C ILE A 1109 -19.90 39.82 -5.22
N PHE A 1110 -18.69 39.81 -4.67
CA PHE A 1110 -18.00 41.03 -4.20
C PHE A 1110 -17.57 41.89 -5.39
N PHE A 1111 -17.10 41.28 -6.47
CA PHE A 1111 -16.55 42.02 -7.63
C PHE A 1111 -17.68 42.71 -8.39
N ILE A 1112 -18.84 42.03 -8.51
CA ILE A 1112 -20.09 42.63 -9.05
C ILE A 1112 -20.43 43.89 -8.24
N ALA A 1113 -20.44 43.76 -6.91
CA ALA A 1113 -20.74 44.87 -5.97
C ALA A 1113 -19.72 45.99 -6.14
N VAL A 1114 -18.44 45.63 -6.26
CA VAL A 1114 -17.33 46.62 -6.40
C VAL A 1114 -17.47 47.37 -7.73
N THR A 1115 -17.82 46.67 -8.83
CA THR A 1115 -17.79 47.26 -10.19
C THR A 1115 -18.85 48.37 -10.36
N PHE A 1116 -20.10 48.13 -9.93
CA PHE A 1116 -21.21 49.12 -10.02
C PHE A 1116 -21.01 50.25 -9.00
N ILE A 1117 -20.57 49.92 -7.79
CA ILE A 1117 -20.21 50.95 -6.78
C ILE A 1117 -19.12 51.82 -7.41
N SER A 1118 -18.16 51.23 -8.10
CA SER A 1118 -17.06 51.96 -8.77
C SER A 1118 -17.60 52.83 -9.90
N ILE A 1119 -18.37 52.23 -10.81
CA ILE A 1119 -18.79 52.88 -12.06
C ILE A 1119 -19.86 53.93 -11.75
N LEU A 1120 -20.81 53.60 -10.87
CA LEU A 1120 -21.95 54.50 -10.57
C LEU A 1120 -21.47 55.72 -9.78
N THR A 1121 -20.61 55.53 -8.79
CA THR A 1121 -20.14 56.60 -7.87
C THR A 1121 -18.89 57.30 -8.45
N THR A 1122 -18.58 57.07 -9.72
CA THR A 1122 -17.54 57.85 -10.45
C THR A 1122 -17.94 59.32 -10.47
N GLY A 1123 -17.05 60.21 -10.05
CA GLY A 1123 -17.28 61.66 -10.06
C GLY A 1123 -17.26 62.21 -11.47
N GLU A 1124 -17.60 63.49 -11.63
CA GLU A 1124 -17.54 64.19 -12.94
C GLU A 1124 -16.08 64.21 -13.42
N GLY A 1125 -15.14 64.34 -12.48
CA GLY A 1125 -13.71 64.07 -12.69
C GLY A 1125 -13.19 63.17 -11.60
N GLU A 1126 -12.26 62.27 -11.92
CA GLU A 1126 -11.36 61.53 -10.97
C GLU A 1126 -12.08 60.69 -9.89
N GLY A 1127 -12.91 59.73 -10.28
CA GLY A 1127 -13.53 58.78 -9.34
C GLY A 1127 -12.49 58.00 -8.55
N ARG A 1128 -12.44 58.19 -7.23
CA ARG A 1128 -11.42 57.59 -6.34
C ARG A 1128 -11.98 56.32 -5.68
N VAL A 1129 -13.29 56.16 -5.66
CA VAL A 1129 -13.95 55.05 -4.92
C VAL A 1129 -13.51 53.74 -5.57
N GLY A 1130 -13.55 53.69 -6.90
CA GLY A 1130 -13.18 52.50 -7.68
C GLY A 1130 -11.69 52.24 -7.67
N ILE A 1131 -10.90 53.30 -7.60
CA ILE A 1131 -9.41 53.23 -7.53
C ILE A 1131 -9.01 52.41 -6.30
N ILE A 1132 -9.67 52.64 -5.17
CA ILE A 1132 -9.35 51.95 -3.90
C ILE A 1132 -9.85 50.50 -3.97
N LEU A 1133 -11.08 50.29 -4.43
CA LEU A 1133 -11.78 48.99 -4.29
C LEU A 1133 -11.21 47.93 -5.23
N THR A 1134 -11.02 48.25 -6.51
CA THR A 1134 -10.59 47.25 -7.54
C THR A 1134 -9.18 46.74 -7.24
N LEU A 1135 -8.35 47.59 -6.63
CA LEU A 1135 -6.94 47.24 -6.26
C LEU A 1135 -6.98 46.07 -5.27
N ALA A 1136 -7.83 46.16 -4.27
CA ALA A 1136 -8.07 45.06 -3.30
C ALA A 1136 -8.50 43.81 -4.07
N MET A 1137 -9.48 43.96 -4.95
CA MET A 1137 -10.09 42.84 -5.68
C MET A 1137 -9.11 42.24 -6.70
N ASN A 1138 -8.05 42.96 -7.09
CA ASN A 1138 -6.93 42.36 -7.86
C ASN A 1138 -6.11 41.44 -6.95
N ILE A 1139 -5.94 41.82 -5.68
CA ILE A 1139 -5.17 41.01 -4.68
C ILE A 1139 -5.94 39.73 -4.37
N MET A 1140 -7.27 39.79 -4.26
CA MET A 1140 -8.11 38.65 -3.79
C MET A 1140 -8.09 37.50 -4.81
N SER A 1141 -7.78 37.80 -6.07
CA SER A 1141 -7.56 36.76 -7.12
C SER A 1141 -6.37 35.87 -6.72
N THR A 1142 -5.27 36.49 -6.29
CA THR A 1142 -4.05 35.75 -5.84
C THR A 1142 -4.37 34.98 -4.56
N LEU A 1143 -5.17 35.54 -3.66
CA LEU A 1143 -5.55 34.88 -2.38
C LEU A 1143 -6.50 33.70 -2.64
N GLN A 1144 -7.41 33.84 -3.60
CA GLN A 1144 -8.34 32.75 -3.99
C GLN A 1144 -7.53 31.51 -4.38
N TRP A 1145 -6.47 31.73 -5.16
CA TRP A 1145 -5.55 30.66 -5.60
C TRP A 1145 -4.79 30.09 -4.39
N ALA A 1146 -4.42 30.93 -3.43
CA ALA A 1146 -3.72 30.50 -2.19
C ALA A 1146 -4.62 29.64 -1.30
N VAL A 1147 -5.91 30.01 -1.19
CA VAL A 1147 -6.90 29.24 -0.37
C VAL A 1147 -7.09 27.83 -0.98
N ASN A 1148 -7.09 27.74 -2.30
CA ASN A 1148 -7.21 26.45 -3.03
C ASN A 1148 -5.95 25.60 -2.79
N SER A 1149 -4.80 26.25 -2.72
CA SER A 1149 -3.51 25.58 -2.37
C SER A 1149 -3.55 25.12 -0.90
N SER A 1150 -4.13 25.93 -0.02
CA SER A 1150 -4.26 25.62 1.43
C SER A 1150 -5.08 24.35 1.67
N ILE A 1151 -6.13 24.14 0.88
CA ILE A 1151 -6.99 22.91 0.96
C ILE A 1151 -6.19 21.69 0.49
N ASP A 1152 -5.31 21.85 -0.50
CA ASP A 1152 -4.46 20.75 -1.02
C ASP A 1152 -3.41 20.36 0.02
N VAL A 1153 -2.92 21.33 0.79
CA VAL A 1153 -1.91 21.08 1.88
C VAL A 1153 -2.57 20.25 2.99
N ASP A 1154 -3.76 20.65 3.45
CA ASP A 1154 -4.46 19.99 4.58
C ASP A 1154 -4.83 18.56 4.25
N SER A 1155 -5.20 18.30 2.99
CA SER A 1155 -5.55 16.95 2.48
C SER A 1155 -4.31 16.04 2.50
N LEU A 1156 -3.15 16.59 2.16
CA LEU A 1156 -1.86 15.83 2.20
C LEU A 1156 -1.35 15.74 3.63
N MET A 1157 -1.71 16.68 4.51
CA MET A 1157 -1.20 16.70 5.91
C MET A 1157 -1.85 15.66 6.84
N ARG A 1158 -2.99 15.12 6.46
CA ARG A 1158 -3.64 14.02 7.20
C ARG A 1158 -2.70 12.82 7.13
N SER A 1159 -2.08 12.62 5.96
CA SER A 1159 -1.11 11.52 5.76
C SER A 1159 -0.14 11.59 6.94
N VAL A 1160 0.42 12.76 7.20
CA VAL A 1160 1.42 12.93 8.30
C VAL A 1160 0.74 12.66 9.65
N SER A 1161 -0.53 13.06 9.79
CA SER A 1161 -1.39 12.76 10.96
C SER A 1161 -1.44 11.25 11.24
N ARG A 1162 -1.66 10.45 10.20
CA ARG A 1162 -1.85 8.98 10.29
C ARG A 1162 -0.51 8.29 10.52
N VAL A 1163 0.59 8.90 10.08
CA VAL A 1163 1.96 8.42 10.37
C VAL A 1163 2.23 8.60 11.87
N PHE A 1164 1.88 9.76 12.43
CA PHE A 1164 2.17 10.09 13.84
C PHE A 1164 1.41 9.16 14.80
N LYS A 1165 0.27 8.62 14.38
CA LYS A 1165 -0.46 7.63 15.19
C LYS A 1165 0.41 6.39 15.42
N PHE A 1166 1.15 5.96 14.39
CA PHE A 1166 2.02 4.77 14.45
C PHE A 1166 3.30 5.06 15.24
N ILE A 1167 3.80 6.29 15.19
CA ILE A 1167 5.00 6.70 15.98
C ILE A 1167 4.62 6.70 17.46
N ASP A 1168 3.39 7.15 17.78
CA ASP A 1168 2.89 7.23 19.17
C ASP A 1168 2.12 5.96 19.50
N MET A 1169 2.81 4.82 19.50
CA MET A 1169 2.27 3.52 19.96
C MET A 1169 3.02 3.14 21.24
N PRO A 1170 2.45 2.31 22.13
CA PRO A 1170 3.14 1.89 23.34
C PRO A 1170 4.32 0.95 23.08
N THR A 1171 5.29 0.93 24.01
CA THR A 1171 6.46 0.04 23.98
C THR A 1171 6.18 -1.18 24.85
N GLU A 1172 6.73 -2.34 24.47
CA GLU A 1172 6.54 -3.62 25.22
C GLU A 1172 7.17 -3.50 26.62
N GLY A 1173 8.34 -2.86 26.71
CA GLY A 1173 8.97 -2.50 28.01
C GLY A 1173 8.01 -1.79 28.93
N ASP A 1202 30.77 -11.24 35.86
CA ASP A 1202 31.14 -12.59 35.40
C ASP A 1202 30.43 -12.85 34.06
N ILE A 1203 29.99 -14.07 33.81
CA ILE A 1203 29.16 -14.39 32.61
C ILE A 1203 27.80 -14.88 33.11
N TRP A 1204 26.73 -14.38 32.51
CA TRP A 1204 25.39 -14.43 33.14
C TRP A 1204 24.76 -15.81 32.98
N PRO A 1205 24.44 -16.31 31.76
CA PRO A 1205 23.75 -17.60 31.65
C PRO A 1205 24.75 -18.77 31.67
N SER A 1206 25.31 -19.05 32.86
CA SER A 1206 26.46 -19.98 33.04
C SER A 1206 26.01 -21.44 33.01
N GLY A 1207 25.05 -21.78 33.86
CA GLY A 1207 24.50 -23.16 33.97
C GLY A 1207 23.22 -23.29 33.16
N GLY A 1208 22.27 -22.39 33.44
CA GLY A 1208 20.99 -22.28 32.74
C GLY A 1208 19.87 -23.06 33.42
N GLN A 1209 19.84 -23.05 34.74
CA GLN A 1209 18.73 -23.64 35.53
C GLN A 1209 17.63 -22.57 35.66
N MET A 1210 16.40 -22.96 35.33
CA MET A 1210 15.22 -22.07 35.39
C MET A 1210 14.37 -22.45 36.60
N THR A 1211 13.75 -21.45 37.23
CA THR A 1211 12.77 -21.62 38.33
C THR A 1211 11.56 -20.73 38.04
N VAL A 1212 10.45 -21.37 37.68
CA VAL A 1212 9.13 -20.73 37.41
C VAL A 1212 8.31 -20.78 38.70
N LYS A 1213 7.62 -19.68 39.01
CA LYS A 1213 6.66 -19.61 40.14
C LYS A 1213 5.50 -18.68 39.81
N ASP A 1214 4.28 -19.21 39.98
CA ASP A 1214 3.02 -18.45 39.95
C ASP A 1214 2.83 -17.85 38.55
N LEU A 1215 3.15 -18.59 37.50
CA LEU A 1215 3.10 -18.08 36.12
C LEU A 1215 1.69 -18.20 35.55
N THR A 1216 1.30 -17.19 34.77
CA THR A 1216 -0.01 -17.11 34.07
C THR A 1216 0.22 -16.53 32.68
N ALA A 1217 -0.48 -17.07 31.67
CA ALA A 1217 -0.30 -16.70 30.25
C ALA A 1217 -1.66 -16.42 29.60
N LYS A 1218 -1.81 -15.23 29.02
CA LYS A 1218 -2.99 -14.85 28.22
C LYS A 1218 -2.57 -13.84 27.14
N TYR A 1219 -3.25 -13.86 26.01
CA TYR A 1219 -2.91 -13.01 24.84
C TYR A 1219 -3.52 -11.62 25.01
N THR A 1220 -4.85 -11.56 25.10
CA THR A 1220 -5.59 -10.29 25.31
C THR A 1220 -5.53 -9.90 26.79
N GLU A 1221 -5.63 -8.61 27.05
CA GLU A 1221 -5.66 -8.05 28.42
C GLU A 1221 -7.02 -8.34 29.05
N GLY A 1222 -7.02 -9.09 30.14
CA GLY A 1222 -8.25 -9.42 30.92
C GLY A 1222 -9.14 -10.41 30.19
N GLY A 1223 -8.56 -11.26 29.33
CA GLY A 1223 -9.28 -12.31 28.59
C GLY A 1223 -9.24 -13.64 29.34
N ASN A 1224 -9.24 -14.74 28.58
CA ASN A 1224 -9.15 -16.12 29.14
C ASN A 1224 -7.68 -16.47 29.39
N ALA A 1225 -7.40 -17.08 30.53
CA ALA A 1225 -6.05 -17.56 30.90
C ALA A 1225 -5.80 -18.91 30.22
N ILE A 1226 -4.77 -18.97 29.37
CA ILE A 1226 -4.38 -20.19 28.63
C ILE A 1226 -3.65 -21.13 29.60
N LEU A 1227 -2.69 -20.58 30.36
CA LEU A 1227 -1.99 -21.29 31.46
C LEU A 1227 -2.27 -20.55 32.79
N GLU A 1228 -2.37 -21.30 33.88
CA GLU A 1228 -2.81 -20.77 35.21
C GLU A 1228 -1.98 -21.38 36.35
N ASN A 1229 -1.27 -20.53 37.10
CA ASN A 1229 -0.48 -20.90 38.31
C ASN A 1229 0.55 -21.98 37.97
N ILE A 1230 1.29 -21.79 36.88
CA ILE A 1230 2.34 -22.73 36.44
C ILE A 1230 3.59 -22.46 37.28
N SER A 1231 4.24 -23.56 37.71
CA SER A 1231 5.50 -23.53 38.49
C SER A 1231 6.21 -24.88 38.37
N PHE A 1232 7.52 -24.84 38.12
CA PHE A 1232 8.36 -26.06 37.94
C PHE A 1232 9.84 -25.65 37.93
N SER A 1233 10.73 -26.63 37.90
CA SER A 1233 12.19 -26.41 37.98
C SER A 1233 12.97 -27.41 37.11
N ILE A 1234 13.99 -26.90 36.43
CA ILE A 1234 14.94 -27.69 35.58
C ILE A 1234 16.34 -27.52 36.18
N SER A 1235 17.04 -28.62 36.42
CA SER A 1235 18.45 -28.60 36.90
C SER A 1235 19.37 -28.27 35.71
N PRO A 1236 20.63 -27.81 35.94
CA PRO A 1236 21.48 -27.35 34.84
C PRO A 1236 21.96 -28.47 33.91
N GLY A 1237 22.15 -28.12 32.62
CA GLY A 1237 22.49 -29.04 31.52
C GLY A 1237 21.66 -30.31 31.49
N GLN A 1238 20.34 -30.16 31.48
CA GLN A 1238 19.37 -31.29 31.38
C GLN A 1238 18.43 -31.01 30.19
N ARG A 1239 18.26 -32.02 29.34
CA ARG A 1239 17.31 -31.97 28.21
C ARG A 1239 15.90 -32.30 28.74
N VAL A 1240 14.93 -31.43 28.44
CA VAL A 1240 13.51 -31.51 28.90
C VAL A 1240 12.58 -31.66 27.69
N GLY A 1241 11.74 -32.69 27.71
CA GLY A 1241 10.66 -32.87 26.74
C GLY A 1241 9.41 -32.11 27.14
N LEU A 1242 8.72 -31.55 26.15
CA LEU A 1242 7.42 -30.85 26.32
C LEU A 1242 6.42 -31.46 25.34
N LEU A 1243 5.21 -31.75 25.81
CA LEU A 1243 4.19 -32.39 24.95
C LEU A 1243 2.77 -32.17 25.49
N GLY A 1244 1.80 -32.54 24.64
CA GLY A 1244 0.36 -32.41 24.90
C GLY A 1244 -0.45 -32.53 23.62
N ARG A 1245 -1.77 -32.43 23.74
CA ARG A 1245 -2.70 -32.46 22.59
C ARG A 1245 -2.59 -31.14 21.82
N THR A 1246 -2.81 -31.19 20.51
CA THR A 1246 -2.80 -29.99 19.65
C THR A 1246 -3.74 -28.92 20.24
N GLY A 1247 -3.28 -27.68 20.30
CA GLY A 1247 -4.00 -26.58 20.95
C GLY A 1247 -3.92 -26.63 22.46
N SER A 1248 -2.96 -27.36 23.03
CA SER A 1248 -2.77 -27.43 24.50
C SER A 1248 -2.21 -26.11 25.04
N GLY A 1249 -1.35 -25.44 24.29
CA GLY A 1249 -0.69 -24.20 24.73
C GLY A 1249 0.83 -24.28 24.73
N LYS A 1250 1.42 -25.30 24.11
CA LYS A 1250 2.88 -25.58 24.20
C LYS A 1250 3.69 -24.37 23.74
N SER A 1251 3.33 -23.79 22.60
CA SER A 1251 3.95 -22.54 22.09
C SER A 1251 3.79 -21.43 23.13
N THR A 1252 2.61 -21.31 23.73
CA THR A 1252 2.32 -20.25 24.74
C THR A 1252 3.32 -20.34 25.89
N LEU A 1253 3.66 -21.56 26.29
CA LEU A 1253 4.67 -21.80 27.35
C LEU A 1253 6.04 -21.36 26.86
N LEU A 1254 6.37 -21.62 25.59
CA LEU A 1254 7.66 -21.18 25.00
C LEU A 1254 7.67 -19.66 24.81
N SER A 1255 6.52 -19.08 24.45
CA SER A 1255 6.35 -17.62 24.26
C SER A 1255 6.34 -16.91 25.62
N ALA A 1256 5.99 -17.62 26.70
CA ALA A 1256 5.96 -17.06 28.07
C ALA A 1256 7.38 -16.76 28.57
N PHE A 1257 8.38 -17.56 28.17
CA PHE A 1257 9.80 -17.33 28.56
C PHE A 1257 10.33 -16.06 27.89
N LEU A 1258 10.12 -15.96 26.58
CA LEU A 1258 10.47 -14.74 25.81
C LEU A 1258 9.58 -13.57 26.25
N ARG A 1259 8.42 -13.89 26.84
CA ARG A 1259 7.42 -12.92 27.36
C ARG A 1259 7.03 -11.99 26.21
N LEU A 1260 6.53 -12.60 25.14
CA LEU A 1260 5.99 -11.91 23.95
C LEU A 1260 4.56 -11.47 24.27
N LEU A 1261 3.77 -12.40 24.80
CA LEU A 1261 2.43 -12.11 25.37
C LEU A 1261 2.59 -11.69 26.84
N ASN A 1262 1.62 -10.92 27.34
CA ASN A 1262 1.66 -10.33 28.70
C ASN A 1262 1.34 -11.41 29.76
N THR A 1263 2.14 -11.45 30.82
CA THR A 1263 2.11 -12.50 31.85
C THR A 1263 2.22 -11.88 33.25
N GLU A 1264 1.99 -12.71 34.26
CA GLU A 1264 2.18 -12.36 35.69
C GLU A 1264 2.88 -13.51 36.40
N GLY A 1265 3.69 -13.19 37.42
CA GLY A 1265 4.61 -14.13 38.11
C GLY A 1265 6.06 -13.75 37.89
N GLU A 1266 6.97 -14.71 38.06
CA GLU A 1266 8.41 -14.52 37.72
C GLU A 1266 9.04 -15.86 37.37
N ILE A 1267 9.95 -15.82 36.40
CA ILE A 1267 10.81 -16.95 36.00
C ILE A 1267 12.25 -16.50 36.27
N GLN A 1268 12.83 -16.94 37.39
CA GLN A 1268 14.23 -16.60 37.75
C GLN A 1268 15.17 -17.68 37.18
N ILE A 1269 16.29 -17.23 36.61
CA ILE A 1269 17.36 -18.07 36.00
C ILE A 1269 18.67 -17.80 36.74
N ASP A 1270 19.39 -18.88 37.07
CA ASP A 1270 20.72 -18.89 37.76
C ASP A 1270 20.70 -17.95 38.97
N GLY A 1271 19.58 -17.93 39.69
CA GLY A 1271 19.40 -17.15 40.94
C GLY A 1271 19.11 -15.69 40.70
N VAL A 1272 18.65 -15.32 39.50
CA VAL A 1272 18.34 -13.90 39.17
C VAL A 1272 17.12 -13.84 38.26
N SER A 1273 16.30 -12.81 38.44
CA SER A 1273 14.90 -12.76 37.95
C SER A 1273 14.76 -11.79 36.77
N TRP A 1274 13.55 -11.75 36.20
CA TRP A 1274 13.13 -10.79 35.15
C TRP A 1274 13.47 -9.36 35.58
N ASP A 1275 12.80 -8.93 36.64
CA ASP A 1275 12.70 -7.50 37.01
C ASP A 1275 14.09 -6.94 37.31
N SER A 1276 15.05 -7.81 37.59
CA SER A 1276 16.46 -7.41 37.84
C SER A 1276 17.15 -6.88 36.57
N ILE A 1277 16.66 -7.21 35.37
CA ILE A 1277 17.39 -6.89 34.09
C ILE A 1277 16.40 -6.43 33.01
N THR A 1278 16.91 -5.76 31.99
CA THR A 1278 16.12 -5.30 30.80
C THR A 1278 15.69 -6.48 29.92
N LEU A 1279 14.70 -6.23 29.06
CA LEU A 1279 13.99 -7.27 28.26
C LEU A 1279 14.85 -7.74 27.10
N GLN A 1280 15.52 -6.84 26.38
CA GLN A 1280 16.38 -7.24 25.23
C GLN A 1280 17.61 -7.98 25.77
N GLN A 1281 18.18 -7.52 26.87
CA GLN A 1281 19.33 -8.20 27.49
C GLN A 1281 18.87 -9.58 27.97
N TRP A 1282 17.60 -9.70 28.37
CA TRP A 1282 16.99 -10.98 28.76
C TRP A 1282 16.88 -11.93 27.56
N ARG A 1283 16.38 -11.45 26.42
CA ARG A 1283 16.01 -12.32 25.27
C ARG A 1283 17.26 -12.90 24.59
N LYS A 1284 18.44 -12.30 24.81
CA LYS A 1284 19.71 -12.79 24.22
C LYS A 1284 20.21 -14.06 24.94
N ALA A 1285 19.65 -14.41 26.10
CA ALA A 1285 20.00 -15.68 26.81
C ALA A 1285 19.51 -16.89 26.02
N PHE A 1286 18.31 -16.82 25.46
CA PHE A 1286 17.64 -17.96 24.77
C PHE A 1286 18.09 -18.06 23.32
N GLY A 1287 17.78 -19.21 22.72
CA GLY A 1287 18.05 -19.54 21.30
C GLY A 1287 16.89 -20.32 20.71
N VAL A 1288 16.19 -19.72 19.74
CA VAL A 1288 14.81 -20.14 19.39
C VAL A 1288 14.79 -20.79 18.00
N ILE A 1289 14.05 -21.89 17.88
CA ILE A 1289 13.54 -22.39 16.58
C ILE A 1289 12.01 -22.27 16.64
N PRO A 1290 11.40 -21.21 16.06
CA PRO A 1290 9.93 -21.07 16.07
C PRO A 1290 9.20 -22.11 15.23
N GLN A 1291 7.87 -22.15 15.36
CA GLN A 1291 7.01 -23.11 14.63
C GLN A 1291 6.91 -22.65 13.17
N LYS A 1292 6.44 -21.42 12.96
CA LYS A 1292 6.36 -20.80 11.61
C LYS A 1292 7.74 -20.28 11.23
N VAL A 1293 8.25 -20.73 10.09
CA VAL A 1293 9.61 -20.37 9.59
C VAL A 1293 9.54 -19.01 8.90
N PHE A 1294 10.57 -18.18 9.07
CA PHE A 1294 10.67 -16.83 8.46
C PHE A 1294 11.98 -16.74 7.66
N ILE A 1295 11.86 -16.54 6.35
CA ILE A 1295 13.01 -16.39 5.41
C ILE A 1295 12.73 -15.18 4.51
N PHE A 1296 13.36 -14.04 4.84
CA PHE A 1296 13.22 -12.78 4.08
C PHE A 1296 14.02 -12.86 2.77
N SER A 1297 13.76 -11.93 1.85
CA SER A 1297 14.42 -11.86 0.52
C SER A 1297 15.87 -11.39 0.67
N GLY A 1298 16.81 -12.25 0.30
CA GLY A 1298 18.25 -11.95 0.33
C GLY A 1298 19.10 -13.17 0.10
N THR A 1299 20.40 -13.05 0.38
CA THR A 1299 21.36 -14.16 0.24
C THR A 1299 21.19 -15.13 1.43
N PHE A 1300 21.69 -16.35 1.27
CA PHE A 1300 21.68 -17.38 2.35
C PHE A 1300 22.43 -16.89 3.58
N ARG A 1301 23.57 -16.25 3.37
CA ARG A 1301 24.44 -15.76 4.47
C ARG A 1301 23.71 -14.66 5.24
N LYS A 1302 22.83 -13.92 4.58
CA LYS A 1302 22.04 -12.85 5.21
C LYS A 1302 20.98 -13.45 6.13
N ASN A 1303 20.32 -14.52 5.66
CA ASN A 1303 19.32 -15.29 6.44
C ASN A 1303 19.97 -16.04 7.60
N LEU A 1304 21.15 -16.64 7.38
CA LEU A 1304 21.83 -17.45 8.43
C LEU A 1304 22.45 -16.54 9.51
N ASP A 1305 22.82 -15.30 9.16
CA ASP A 1305 23.28 -14.29 10.16
C ASP A 1305 23.16 -12.90 9.53
N PRO A 1306 22.13 -12.11 9.90
CA PRO A 1306 22.00 -10.73 9.41
C PRO A 1306 23.09 -9.75 9.88
N TYR A 1307 23.61 -9.95 11.10
CA TYR A 1307 24.63 -9.06 11.70
C TYR A 1307 26.01 -9.28 11.07
N GLU A 1308 26.20 -10.40 10.34
CA GLU A 1308 27.46 -10.72 9.62
C GLU A 1308 28.60 -10.80 10.64
N GLN A 1309 28.37 -11.50 11.73
CA GLN A 1309 29.37 -11.71 12.81
C GLN A 1309 30.30 -12.84 12.37
N TRP A 1310 29.68 -13.93 11.93
CA TRP A 1310 30.39 -15.19 11.58
C TRP A 1310 30.97 -15.07 10.17
N SER A 1311 32.12 -15.70 9.94
CA SER A 1311 32.79 -15.77 8.62
C SER A 1311 32.13 -16.83 7.72
N ASP A 1312 32.57 -16.90 6.47
CA ASP A 1312 32.10 -17.92 5.50
C ASP A 1312 32.59 -19.30 5.95
N GLN A 1313 33.83 -19.37 6.41
CA GLN A 1313 34.42 -20.60 6.96
C GLN A 1313 33.53 -21.12 8.08
N GLU A 1314 33.05 -20.21 8.93
CA GLU A 1314 32.16 -20.50 10.08
C GLU A 1314 30.84 -21.11 9.59
N ILE A 1315 30.17 -20.44 8.66
CA ILE A 1315 28.82 -20.82 8.15
C ILE A 1315 28.93 -22.15 7.37
N TRP A 1316 29.97 -22.29 6.55
CA TRP A 1316 30.24 -23.57 5.82
C TRP A 1316 30.51 -24.69 6.84
N LYS A 1317 31.18 -24.37 7.94
CA LYS A 1317 31.47 -25.33 9.02
C LYS A 1317 30.16 -25.81 9.66
N VAL A 1318 29.20 -24.91 9.87
CA VAL A 1318 27.83 -25.25 10.41
C VAL A 1318 27.03 -26.02 9.34
N ALA A 1319 27.14 -25.61 8.07
CA ALA A 1319 26.24 -26.07 6.97
C ALA A 1319 26.35 -27.58 6.69
N ASP A 1320 27.48 -28.20 7.01
CA ASP A 1320 27.72 -29.66 6.77
C ASP A 1320 27.03 -30.51 7.84
N GLU A 1321 27.03 -30.04 9.08
CA GLU A 1321 26.52 -30.83 10.24
C GLU A 1321 24.99 -30.90 10.16
N VAL A 1322 24.34 -29.79 9.83
CA VAL A 1322 22.85 -29.72 9.65
C VAL A 1322 22.48 -30.19 8.23
N GLY A 1323 23.42 -30.15 7.30
CA GLY A 1323 23.25 -30.79 5.98
C GLY A 1323 22.49 -29.89 5.01
N LEU A 1324 23.12 -28.78 4.64
CA LEU A 1324 22.70 -27.93 3.51
C LEU A 1324 23.84 -27.91 2.48
N ARG A 1325 24.71 -28.92 2.52
CA ARG A 1325 25.88 -29.02 1.62
C ARG A 1325 25.37 -29.23 0.19
N SER A 1326 24.50 -30.20 0.00
CA SER A 1326 23.91 -30.57 -1.32
C SER A 1326 22.80 -29.58 -1.71
N VAL A 1327 22.21 -28.88 -0.74
CA VAL A 1327 21.02 -28.03 -0.95
C VAL A 1327 21.47 -26.72 -1.61
N ILE A 1328 22.50 -26.08 -1.07
CA ILE A 1328 23.00 -24.76 -1.51
C ILE A 1328 23.73 -24.91 -2.85
N GLU A 1329 24.57 -25.94 -2.98
CA GLU A 1329 25.42 -26.17 -4.16
C GLU A 1329 24.57 -26.35 -5.43
N GLN A 1330 23.31 -26.75 -5.28
CA GLN A 1330 22.32 -26.88 -6.38
C GLN A 1330 22.14 -25.55 -7.12
N PHE A 1331 22.14 -24.43 -6.38
CA PHE A 1331 21.88 -23.07 -6.94
C PHE A 1331 23.18 -22.48 -7.45
N PRO A 1332 23.13 -21.51 -8.41
CA PRO A 1332 24.34 -20.95 -9.00
C PRO A 1332 25.27 -20.19 -8.03
N GLY A 1333 24.76 -19.13 -7.40
CA GLY A 1333 25.51 -18.30 -6.45
C GLY A 1333 25.57 -18.92 -5.07
N LYS A 1334 26.65 -19.62 -4.74
CA LYS A 1334 26.83 -20.29 -3.44
C LYS A 1334 26.90 -19.24 -2.32
N LEU A 1335 25.89 -19.21 -1.45
CA LEU A 1335 25.70 -18.22 -0.35
C LEU A 1335 25.60 -16.79 -0.90
N ASP A 1336 25.23 -16.62 -2.17
CA ASP A 1336 24.94 -15.29 -2.78
C ASP A 1336 23.67 -15.36 -3.61
N PHE A 1337 22.94 -16.48 -3.57
CA PHE A 1337 21.70 -16.67 -4.35
C PHE A 1337 20.58 -15.92 -3.64
N VAL A 1338 20.00 -14.93 -4.32
CA VAL A 1338 18.94 -14.06 -3.74
C VAL A 1338 17.64 -14.87 -3.71
N LEU A 1339 17.18 -15.22 -2.51
CA LEU A 1339 15.87 -15.90 -2.30
C LEU A 1339 14.75 -14.92 -2.59
N VAL A 1340 13.65 -15.42 -3.12
CA VAL A 1340 12.50 -14.60 -3.55
C VAL A 1340 11.22 -15.26 -3.04
N ASP A 1341 10.14 -14.46 -3.01
CA ASP A 1341 8.75 -14.94 -2.72
C ASP A 1341 8.73 -15.67 -1.36
N GLY A 1342 9.53 -15.21 -0.40
CA GLY A 1342 9.64 -15.83 0.93
C GLY A 1342 10.31 -17.20 0.88
N GLY A 1343 11.28 -17.37 -0.03
CA GLY A 1343 12.05 -18.61 -0.15
C GLY A 1343 11.19 -19.76 -0.65
N CYS A 1344 10.46 -19.55 -1.73
CA CYS A 1344 9.62 -20.58 -2.39
C CYS A 1344 10.51 -21.57 -3.15
N VAL A 1345 11.76 -21.20 -3.42
CA VAL A 1345 12.73 -22.01 -4.18
C VAL A 1345 13.10 -23.24 -3.35
N LEU A 1346 13.33 -23.05 -2.04
CA LEU A 1346 13.61 -24.14 -1.09
C LEU A 1346 12.33 -24.94 -0.82
N SER A 1347 12.49 -26.22 -0.48
CA SER A 1347 11.38 -27.09 -0.02
C SER A 1347 11.17 -26.92 1.49
N HIS A 1348 10.11 -27.52 2.00
CA HIS A 1348 9.66 -27.33 3.41
C HIS A 1348 10.64 -27.91 4.41
N GLY A 1349 11.28 -29.03 4.08
CA GLY A 1349 12.27 -29.68 4.96
C GLY A 1349 13.51 -28.83 5.14
N HIS A 1350 13.97 -28.20 4.05
CA HIS A 1350 15.20 -27.35 4.04
C HIS A 1350 14.99 -26.10 4.89
N LYS A 1351 13.75 -25.62 5.00
CA LYS A 1351 13.38 -24.44 5.81
C LYS A 1351 13.54 -24.76 7.30
N GLN A 1352 13.23 -25.99 7.72
CA GLN A 1352 13.43 -26.44 9.11
C GLN A 1352 14.94 -26.51 9.40
N LEU A 1353 15.72 -26.99 8.43
CA LEU A 1353 17.20 -27.08 8.52
C LEU A 1353 17.81 -25.67 8.52
N MET A 1354 17.18 -24.73 7.81
CA MET A 1354 17.61 -23.32 7.76
C MET A 1354 17.49 -22.68 9.16
N CYS A 1355 16.40 -22.95 9.88
CA CYS A 1355 16.17 -22.41 11.24
C CYS A 1355 17.11 -23.11 12.24
N LEU A 1356 17.44 -24.37 11.98
CA LEU A 1356 18.35 -25.18 12.83
C LEU A 1356 19.76 -24.57 12.79
N ALA A 1357 20.29 -24.35 11.58
CA ALA A 1357 21.62 -23.73 11.36
C ALA A 1357 21.68 -22.34 12.00
N ARG A 1358 20.59 -21.61 11.87
CA ARG A 1358 20.41 -20.24 12.42
C ARG A 1358 20.55 -20.27 13.94
N SER A 1359 20.00 -21.30 14.59
CA SER A 1359 20.09 -21.51 16.05
C SER A 1359 21.47 -22.06 16.44
N VAL A 1360 22.05 -22.94 15.61
CA VAL A 1360 23.39 -23.55 15.89
C VAL A 1360 24.47 -22.46 15.89
N LEU A 1361 24.40 -21.52 14.96
CA LEU A 1361 25.33 -20.36 14.89
C LEU A 1361 25.27 -19.56 16.19
N SER A 1362 24.07 -19.21 16.63
CA SER A 1362 23.81 -18.44 17.87
C SER A 1362 24.08 -19.31 19.09
N LYS A 1363 25.33 -19.35 19.56
CA LYS A 1363 25.75 -20.15 20.73
C LYS A 1363 25.07 -19.59 21.97
N ALA A 1364 24.06 -20.29 22.48
CA ALA A 1364 23.27 -19.89 23.66
C ALA A 1364 23.23 -21.04 24.66
N LYS A 1365 23.34 -20.72 25.95
CA LYS A 1365 23.42 -21.75 27.03
C LYS A 1365 22.01 -22.23 27.41
N ILE A 1366 20.96 -21.57 26.93
CA ILE A 1366 19.58 -22.13 26.89
C ILE A 1366 19.04 -21.97 25.47
N LEU A 1367 18.32 -22.98 24.98
CA LEU A 1367 17.67 -22.88 23.64
C LEU A 1367 16.35 -23.64 23.61
N LEU A 1368 15.40 -23.11 22.83
CA LEU A 1368 13.98 -23.51 22.76
C LEU A 1368 13.61 -23.92 21.34
N LEU A 1369 13.05 -25.12 21.20
CA LEU A 1369 12.77 -25.76 19.89
C LEU A 1369 11.27 -26.02 19.76
N ASP A 1370 10.57 -25.19 18.98
CA ASP A 1370 9.11 -25.33 18.75
C ASP A 1370 8.86 -26.24 17.54
N GLN A 1371 8.88 -27.56 17.77
CA GLN A 1371 8.66 -28.62 16.76
C GLN A 1371 9.70 -28.53 15.65
N PRO A 1372 11.00 -28.81 15.95
CA PRO A 1372 12.06 -28.78 14.93
C PRO A 1372 11.78 -29.66 13.71
N SER A 1373 11.37 -30.90 13.97
CA SER A 1373 10.91 -31.84 12.92
C SER A 1373 9.40 -31.68 12.77
N ALA A 1374 8.98 -31.14 11.63
CA ALA A 1374 7.55 -30.92 11.32
C ALA A 1374 7.12 -31.94 10.28
N HIS A 1375 7.77 -31.92 9.12
CA HIS A 1375 7.48 -32.82 7.99
C HIS A 1375 8.76 -33.54 7.56
N LEU A 1376 9.68 -33.75 8.50
CA LEU A 1376 10.90 -34.54 8.25
C LEU A 1376 10.58 -36.02 8.40
N ASP A 1377 11.08 -36.83 7.49
CA ASP A 1377 10.97 -38.32 7.56
C ASP A 1377 11.99 -38.81 8.59
N PRO A 1378 11.92 -40.09 9.04
CA PRO A 1378 12.90 -40.66 9.98
C PRO A 1378 14.40 -40.56 9.59
N VAL A 1379 14.71 -40.50 8.30
CA VAL A 1379 16.12 -40.41 7.81
C VAL A 1379 16.66 -39.01 8.11
N THR A 1380 15.93 -37.97 7.72
CA THR A 1380 16.34 -36.55 7.91
C THR A 1380 16.42 -36.23 9.40
N TYR A 1381 15.61 -36.89 10.23
CA TYR A 1381 15.53 -36.62 11.69
C TYR A 1381 16.83 -37.02 12.40
N GLN A 1382 17.63 -37.94 11.83
CA GLN A 1382 18.93 -38.33 12.41
C GLN A 1382 19.82 -37.09 12.52
N ILE A 1383 19.78 -36.22 11.51
CA ILE A 1383 20.57 -34.96 11.50
C ILE A 1383 20.23 -34.13 12.75
N ILE A 1384 18.95 -34.06 13.10
CA ILE A 1384 18.45 -33.25 14.24
C ILE A 1384 19.12 -33.73 15.53
N ARG A 1385 19.06 -35.05 15.79
CA ARG A 1385 19.60 -35.67 17.03
C ARG A 1385 21.14 -35.68 17.00
N ARG A 1386 21.72 -35.85 15.80
CA ARG A 1386 23.19 -35.76 15.62
C ARG A 1386 23.63 -34.36 16.03
N THR A 1387 22.97 -33.32 15.53
CA THR A 1387 23.34 -31.92 15.85
C THR A 1387 22.92 -31.58 17.29
N LEU A 1388 21.89 -32.23 17.82
CA LEU A 1388 21.39 -31.96 19.18
C LEU A 1388 22.33 -32.59 20.21
N LYS A 1389 22.86 -33.78 19.92
CA LYS A 1389 23.81 -34.50 20.82
C LYS A 1389 25.19 -33.83 20.78
N GLN A 1390 25.67 -33.47 19.60
CA GLN A 1390 27.08 -33.03 19.38
C GLN A 1390 27.22 -31.54 19.75
N ALA A 1391 26.52 -30.66 19.04
CA ALA A 1391 26.70 -29.19 19.12
C ALA A 1391 26.19 -28.65 20.46
N PHE A 1392 24.94 -28.97 20.81
CA PHE A 1392 24.31 -28.51 22.07
C PHE A 1392 24.78 -29.42 23.20
N ALA A 1393 26.00 -29.17 23.69
CA ALA A 1393 26.72 -30.08 24.61
C ALA A 1393 26.23 -29.87 26.05
N ASP A 1394 26.50 -28.70 26.61
CA ASP A 1394 26.28 -28.41 28.06
C ASP A 1394 24.93 -27.71 28.27
N CYS A 1395 24.41 -27.02 27.25
CA CYS A 1395 23.22 -26.16 27.37
C CYS A 1395 21.96 -27.00 27.62
N THR A 1396 21.02 -26.45 28.38
CA THR A 1396 19.68 -27.06 28.61
C THR A 1396 18.82 -26.85 27.37
N VAL A 1397 17.95 -27.82 27.11
CA VAL A 1397 17.11 -27.88 25.90
C VAL A 1397 15.66 -28.10 26.34
N ILE A 1398 14.75 -27.24 25.88
CA ILE A 1398 13.29 -27.51 25.96
C ILE A 1398 12.83 -27.91 24.56
N LEU A 1399 12.52 -29.19 24.38
CA LEU A 1399 12.15 -29.75 23.06
C LEU A 1399 10.64 -30.01 23.01
N CYS A 1400 9.93 -29.17 22.27
CA CYS A 1400 8.48 -29.31 21.97
C CYS A 1400 8.32 -30.10 20.67
N GLU A 1401 7.85 -31.34 20.75
CA GLU A 1401 7.79 -32.26 19.60
C GLU A 1401 6.68 -33.29 19.81
N HIS A 1402 6.13 -33.77 18.71
CA HIS A 1402 5.03 -34.77 18.72
C HIS A 1402 5.56 -36.18 18.49
N ARG A 1403 6.55 -36.36 17.60
CA ARG A 1403 7.12 -37.70 17.32
C ARG A 1403 7.72 -38.25 18.63
N ILE A 1404 7.46 -39.53 18.89
CA ILE A 1404 7.78 -40.17 20.20
C ILE A 1404 9.27 -40.56 20.20
N GLU A 1405 9.89 -40.65 19.02
CA GLU A 1405 11.34 -40.97 18.87
C GLU A 1405 12.20 -39.93 19.61
N ALA A 1406 11.74 -38.67 19.68
CA ALA A 1406 12.47 -37.56 20.32
C ALA A 1406 12.49 -37.71 21.85
N MET A 1407 11.55 -38.46 22.42
CA MET A 1407 11.40 -38.58 23.90
C MET A 1407 12.53 -39.45 24.48
N LEU A 1408 13.21 -40.25 23.65
CA LEU A 1408 14.36 -41.08 24.12
C LEU A 1408 15.53 -40.20 24.59
N GLU A 1409 15.67 -39.00 24.03
CA GLU A 1409 16.82 -38.10 24.30
C GLU A 1409 16.69 -37.47 25.70
N CYS A 1410 15.63 -36.69 25.92
CA CYS A 1410 15.49 -35.79 27.09
C CYS A 1410 15.04 -36.57 28.33
N GLN A 1411 15.35 -36.03 29.51
CA GLN A 1411 15.13 -36.72 30.81
C GLN A 1411 13.75 -36.36 31.37
N GLN A 1412 13.56 -35.10 31.78
CA GLN A 1412 12.31 -34.64 32.41
C GLN A 1412 11.26 -34.36 31.34
N PHE A 1413 10.00 -34.67 31.62
CA PHE A 1413 8.87 -34.38 30.70
C PHE A 1413 7.89 -33.42 31.37
N LEU A 1414 7.44 -32.43 30.60
CA LEU A 1414 6.34 -31.51 30.97
C LEU A 1414 5.14 -31.79 30.07
N VAL A 1415 4.03 -32.22 30.67
CA VAL A 1415 2.76 -32.47 29.94
C VAL A 1415 1.78 -31.33 30.24
N ILE A 1416 1.09 -30.86 29.21
CA ILE A 1416 0.14 -29.72 29.32
C ILE A 1416 -1.29 -30.22 29.03
N GLU A 1417 -2.22 -29.91 29.94
CA GLU A 1417 -3.67 -30.15 29.75
C GLU A 1417 -4.46 -29.36 30.80
N GLU A 1418 -5.72 -29.06 30.49
CA GLU A 1418 -6.67 -28.45 31.45
C GLU A 1418 -6.09 -27.11 31.96
N ASN A 1419 -5.34 -26.41 31.10
CA ASN A 1419 -4.72 -25.09 31.40
C ASN A 1419 -3.76 -25.17 32.58
N LYS A 1420 -3.08 -26.31 32.75
CA LYS A 1420 -2.12 -26.55 33.86
C LYS A 1420 -1.06 -27.55 33.39
N VAL A 1421 -0.03 -27.75 34.21
CA VAL A 1421 1.13 -28.62 33.84
C VAL A 1421 1.19 -29.83 34.77
N ARG A 1422 1.91 -30.84 34.29
CA ARG A 1422 2.37 -31.99 35.10
C ARG A 1422 3.80 -32.33 34.68
N GLN A 1423 4.66 -32.61 35.65
CA GLN A 1423 6.09 -32.92 35.39
C GLN A 1423 6.38 -34.36 35.76
N TYR A 1424 7.19 -35.03 34.93
CA TYR A 1424 7.51 -36.46 35.10
C TYR A 1424 9.02 -36.66 34.88
N ASP A 1425 9.57 -37.68 35.53
CA ASP A 1425 11.01 -38.01 35.49
C ASP A 1425 11.24 -39.06 34.40
N SER A 1426 10.54 -40.19 34.49
CA SER A 1426 10.67 -41.33 33.58
C SER A 1426 9.57 -41.23 32.51
N ILE A 1427 9.71 -42.02 31.45
CA ILE A 1427 8.72 -42.12 30.34
C ILE A 1427 7.66 -43.18 30.70
N GLN A 1428 8.07 -44.26 31.35
CA GLN A 1428 7.18 -45.42 31.64
C GLN A 1428 5.98 -44.95 32.47
N LYS A 1429 6.21 -44.19 33.53
CA LYS A 1429 5.16 -43.65 34.44
C LYS A 1429 4.17 -42.81 33.63
N LEU A 1430 4.69 -41.85 32.85
CA LEU A 1430 3.91 -40.83 32.10
C LEU A 1430 2.94 -41.48 31.10
N LEU A 1431 3.44 -42.39 30.26
CA LEU A 1431 2.63 -43.13 29.24
C LEU A 1431 1.66 -44.10 29.92
N ASN A 1432 1.99 -44.54 31.13
CA ASN A 1432 1.25 -45.58 31.89
C ASN A 1432 -0.17 -45.09 32.24
N GLU A 1433 -0.30 -43.82 32.64
CA GLU A 1433 -1.59 -43.23 33.09
C GLU A 1433 -2.48 -42.90 31.89
N ARG A 1434 -1.92 -42.50 30.76
CA ARG A 1434 -2.68 -42.23 29.52
C ARG A 1434 -2.61 -43.49 28.65
N SER A 1435 -3.75 -44.13 28.40
CA SER A 1435 -3.83 -45.43 27.67
C SER A 1435 -4.05 -45.20 26.17
N LEU A 1436 -4.91 -44.25 25.81
CA LEU A 1436 -5.25 -43.94 24.40
C LEU A 1436 -4.02 -43.33 23.70
N PHE A 1437 -3.27 -42.51 24.42
CA PHE A 1437 -2.01 -41.90 23.94
C PHE A 1437 -0.92 -42.97 23.85
N ARG A 1438 -0.94 -43.95 24.76
CA ARG A 1438 0.00 -45.10 24.75
C ARG A 1438 -0.37 -46.07 23.62
N GLN A 1439 -1.67 -46.18 23.32
CA GLN A 1439 -2.19 -47.08 22.26
C GLN A 1439 -1.99 -46.43 20.89
N ALA A 1440 -1.80 -45.10 20.83
CA ALA A 1440 -1.54 -44.35 19.58
C ALA A 1440 -0.11 -44.57 19.09
N ILE A 1441 0.80 -44.96 19.98
CA ILE A 1441 2.24 -45.17 19.66
C ILE A 1441 2.36 -46.21 18.55
N SER A 1442 3.21 -45.92 17.57
CA SER A 1442 3.43 -46.79 16.38
C SER A 1442 4.13 -48.08 16.84
N PRO A 1443 3.90 -49.23 16.17
CA PRO A 1443 4.58 -50.48 16.52
C PRO A 1443 6.12 -50.39 16.50
N SER A 1444 6.65 -49.68 15.51
CA SER A 1444 8.11 -49.45 15.34
C SER A 1444 8.67 -48.58 16.48
N ASP A 1445 7.86 -47.64 16.97
CA ASP A 1445 8.27 -46.71 18.05
C ASP A 1445 7.91 -47.30 19.42
N ARG A 1446 7.13 -48.39 19.45
CA ARG A 1446 6.72 -49.10 20.69
C ARG A 1446 7.84 -50.06 21.13
N VAL A 1447 8.67 -50.52 20.18
CA VAL A 1447 9.79 -51.46 20.49
C VAL A 1447 11.00 -50.66 21.00
N LYS A 1448 11.01 -49.34 20.78
CA LYS A 1448 12.10 -48.44 21.25
C LYS A 1448 11.87 -48.06 22.72
N LEU A 1449 10.69 -47.50 23.01
CA LEU A 1449 10.33 -46.99 24.36
C LEU A 1449 10.43 -48.14 25.38
N PHE A 1450 9.72 -49.23 25.10
CA PHE A 1450 9.71 -50.44 25.95
C PHE A 1450 10.66 -51.47 25.34
N PRO A 1451 11.72 -51.93 26.07
CA PRO A 1451 12.66 -52.91 25.54
C PRO A 1451 12.09 -54.35 25.57
N UNK B 1 -25.19 -18.37 -2.65
CA UNK B 1 -23.86 -17.70 -2.65
C UNK B 1 -24.04 -16.18 -2.56
N UNK B 2 -23.56 -15.57 -1.48
CA UNK B 2 -23.58 -14.11 -1.25
C UNK B 2 -22.50 -13.46 -2.12
N UNK B 3 -22.79 -13.29 -3.41
CA UNK B 3 -21.85 -12.75 -4.42
C UNK B 3 -22.34 -11.37 -4.90
N UNK B 4 -23.19 -10.69 -4.13
CA UNK B 4 -23.72 -9.36 -4.46
C UNK B 4 -22.63 -8.32 -4.18
N UNK B 5 -21.99 -7.81 -5.23
CA UNK B 5 -20.89 -6.82 -5.14
C UNK B 5 -21.48 -5.44 -4.86
N UNK B 6 -21.73 -5.17 -3.58
CA UNK B 6 -22.24 -3.87 -3.09
C UNK B 6 -21.80 -3.67 -1.64
N UNK B 7 -21.62 -2.41 -1.23
CA UNK B 7 -21.22 -2.05 0.14
C UNK B 7 -22.37 -2.36 1.10
N UNK B 8 -22.07 -3.02 2.22
CA UNK B 8 -23.05 -3.47 3.23
C UNK B 8 -22.79 -2.76 4.56
N UNK B 9 -23.83 -2.62 5.38
CA UNK B 9 -23.80 -1.84 6.64
C UNK B 9 -22.72 -2.37 7.59
N UNK B 10 -22.54 -3.68 7.67
CA UNK B 10 -21.52 -4.33 8.52
C UNK B 10 -20.11 -4.07 7.96
N UNK B 11 -19.95 -4.22 6.63
CA UNK B 11 -18.65 -4.15 5.92
C UNK B 11 -17.98 -2.78 6.16
N UNK B 12 -18.75 -1.70 6.02
CA UNK B 12 -18.26 -0.32 6.11
C UNK B 12 -17.82 0.01 7.55
N UNK B 13 -18.42 -0.62 8.55
CA UNK B 13 -18.05 -0.44 9.98
C UNK B 13 -16.64 -0.99 10.23
N UNK B 14 -16.26 -2.07 9.54
CA UNK B 14 -14.91 -2.67 9.62
C UNK B 14 -13.88 -1.74 8.95
N UNK B 15 -14.23 -1.18 7.79
CA UNK B 15 -13.35 -0.27 7.02
C UNK B 15 -13.20 1.08 7.72
N UNK B 16 -14.28 1.58 8.34
CA UNK B 16 -14.28 2.88 9.06
C UNK B 16 -13.48 2.75 10.35
N UNK B 17 -13.79 1.73 11.17
CA UNK B 17 -13.11 1.44 12.46
C UNK B 17 -13.18 2.65 13.39
#